data_9L09
#
_entry.id   9L09
#
_cell.length_a   1.00
_cell.length_b   1.00
_cell.length_c   1.00
_cell.angle_alpha   90.00
_cell.angle_beta   90.00
_cell.angle_gamma   90.00
#
_symmetry.space_group_name_H-M   'P 1'
#
loop_
_entity.id
_entity.type
_entity.pdbx_description
1 polymer 'RNA-directed RNA polymerase nsp12'
2 polymer 'Non-structural protein 8'
3 polymer 'Non-structural protein 7'
4 polymer "RNA (5'-R(P*AP*AP*GP*AP*AP*GP*CP*UP*AP*U*(A1ELZ))-3')"
5 polymer "RNA (5'-R(P*UP*AP*UP*AP*GP*CP*UP*UP*CP*UP*U)-3')"
6 non-polymer 'ZINC ION'
7 non-polymer 'MAGNESIUM ION'
8 water water
#
loop_
_entity_poly.entity_id
_entity_poly.type
_entity_poly.pdbx_seq_one_letter_code
_entity_poly.pdbx_strand_id
1 'polypeptide(L)'
;SADAQSFLNRVCGVSAARLTPCGTGTSTDVVYRAFDIYNDKVAGFAKFLKTNCCRFQEKDEDDNLIDSYFVVKRHTFSNY
QHEETIYNLLKDCPAVAKHDFFKFRIDGDMVPHISRQRLTKYTMADLVYALRHFDEGNCDTLKEILVTYNCCDDDYFNKK
DWYDFVENPDILRVYANLGERVRQALLKTVQFCDAMRNAGIVGVLTLDNQDLNGNWYDFGDFIQTTPGSGVPVVDSYYSL
LMPILTLTRALTAESHVDTDLTKPYIKWDLLKYDFTEERLKLFDRYFKYWDQTYHPNCVNCLDDRCILHCANFNVLFSTV
FPPTSFGPLVRKIFVDGVPFVVSTGYHFRELGVVHNQDVNLHSSRLSFKELLVYAADPAMHAASGNLLLDKRTTCFSVAA
LTNNVAFQTVKPGNFNKDFYDFAVSKGFFKEGSSVELKHFFFAQDGNAAISDYDYYRYNLPTMCDIRQLLFVVEVVDKYF
DCYDGGCINANQVIVNNLDKSAGFPFNKWGKARLYYDSMSYEDQDALFAYTKRNVIPTITQMNLKYAISAKNRARTVAGV
SICSTMTNRQFHQKLLKSIAATRGATVVIGTSKFYGGWHNMLKTVYSDVENPHLMGWDYPKCDRAMPNMLRIMASLVLAR
KHTTCCSLSHRFYRLANECAQVLSEMVMCGGSLYVKPGGTSSGDATTAYANSVFNICQAVTANVNALLSTDGNKIADKYV
RNLQHRLYECLYRNRDVDTDFVNEFYAYLRKHFSMMILSDDAVVCFNSTYASQGLVASIKNFKSVLYYQNNVFMSEAKCW
TETDLTKGPHEFCSQHTMLVKQGDDYVYLPYPDPSRILGAGCFVDDIVKTDGTLMIERFVSLAIDAYPLTKHPNQEYADV
FHLYLQYIRKLHDELTGHMLDMYSVMLTNDNTSRYWEPEFYEAMYTPHTVLQ
;
A
2 'polypeptide(L)'
;AIASEFSSLPSYAAFATAQEAYEQAVANGDSEVVLKKLKKSLNVAKSEFDRDAAMQRKLEKMADQAMTQMYKQARSEDKR
AKVTSAMQTMLFTMLRKLDNDALNNIINNARDGCVPLNIIPLTTAAKLMVVIPDYNTYKNTCDGTTFTYASALWEIQQVV
DADSKIVQLSEISMDNSPNLAWPLIVTALRANSAVKLQ
;
B,D
3 'polypeptide(L)'
;SKMSDVKCTSVVLLSVLQQLRVESSSKLWAQCVQLHNDILLAKDTTEAFEKMVSLLSVLLSMQGAVDINKLCEEMLDNRA
TLQ
;
C
4 'polyribonucleotide' AAGAAGCUAU(A1ELZ) I
5 'polyribonucleotide' UAUAGCUUCUU J
#
# COMPACT_ATOMS: atom_id res chain seq x y z
N ALA A 4 15.24 10.06 -57.77
CA ALA A 4 16.48 10.64 -58.28
C ALA A 4 16.92 11.81 -57.40
N GLN A 5 18.04 12.43 -57.75
CA GLN A 5 18.52 13.59 -57.02
C GLN A 5 17.93 14.88 -57.58
N SER A 6 16.63 14.87 -57.76
CA SER A 6 15.84 16.04 -58.09
C SER A 6 14.64 16.19 -57.16
N PHE A 7 14.01 15.08 -56.76
CA PHE A 7 13.00 15.13 -55.73
C PHE A 7 13.59 15.59 -54.39
N LEU A 8 14.79 15.09 -54.06
CA LEU A 8 15.47 15.52 -52.86
C LEU A 8 15.95 16.97 -52.95
N ASN A 9 16.09 17.49 -54.16
CA ASN A 9 16.48 18.89 -54.34
C ASN A 9 15.28 19.83 -54.31
N ARG A 10 14.11 19.37 -54.76
CA ARG A 10 12.92 20.20 -54.65
C ARG A 10 12.36 20.18 -53.24
N VAL A 11 12.32 19.01 -52.60
CA VAL A 11 11.88 18.92 -51.22
C VAL A 11 12.75 19.82 -50.34
N CYS A 12 14.06 19.78 -50.57
CA CYS A 12 14.98 20.71 -49.91
C CYS A 12 14.94 22.03 -50.66
N GLY A 13 13.94 22.84 -50.33
CA GLY A 13 13.77 24.13 -50.96
C GLY A 13 14.85 25.09 -50.52
N VAL A 14 14.57 26.38 -50.49
CA VAL A 14 15.56 27.35 -50.04
C VAL A 14 15.54 27.38 -48.52
N SER A 15 16.24 26.44 -47.90
CA SER A 15 16.32 26.36 -46.45
C SER A 15 17.71 25.96 -45.93
N ALA A 16 18.69 25.79 -46.81
CA ALA A 16 20.04 25.41 -46.41
C ALA A 16 20.01 24.12 -45.57
N ALA A 17 19.24 23.15 -46.04
CA ALA A 17 19.09 21.87 -45.36
C ALA A 17 19.77 20.77 -46.14
N ARG A 18 20.39 19.83 -45.41
CA ARG A 18 21.05 18.68 -45.99
C ARG A 18 20.24 17.44 -45.65
N LEU A 19 19.62 16.83 -46.65
CA LEU A 19 18.71 15.71 -46.46
C LEU A 19 19.35 14.40 -46.87
N THR A 20 18.92 13.32 -46.21
CA THR A 20 19.36 11.98 -46.54
C THR A 20 18.12 11.10 -46.66
N PRO A 21 17.90 10.44 -47.79
CA PRO A 21 16.65 9.68 -47.97
C PRO A 21 16.48 8.62 -46.89
N CYS A 22 15.24 8.45 -46.45
CA CYS A 22 14.89 7.40 -45.50
C CYS A 22 14.28 6.17 -46.16
N GLY A 23 13.60 6.35 -47.29
CA GLY A 23 13.03 5.23 -48.01
C GLY A 23 13.88 4.81 -49.20
N THR A 24 13.30 4.84 -50.39
CA THR A 24 14.00 4.45 -51.62
C THR A 24 13.51 5.34 -52.74
N GLY A 25 14.29 6.36 -53.07
CA GLY A 25 13.88 7.29 -54.11
C GLY A 25 12.58 7.98 -53.74
N THR A 26 11.65 8.03 -54.70
CA THR A 26 10.35 8.63 -54.49
C THR A 26 9.33 7.66 -53.91
N SER A 27 9.72 6.41 -53.68
CA SER A 27 8.82 5.43 -53.11
C SER A 27 8.40 5.85 -51.70
N THR A 28 7.13 5.59 -51.37
CA THR A 28 6.60 5.96 -50.07
C THR A 28 7.22 5.10 -48.97
N ASP A 29 7.17 5.61 -47.75
CA ASP A 29 7.72 4.93 -46.58
C ASP A 29 6.58 4.49 -45.66
N VAL A 30 6.59 3.22 -45.28
CA VAL A 30 5.56 2.63 -44.44
C VAL A 30 6.06 2.59 -43.00
N VAL A 31 5.20 3.02 -42.07
CA VAL A 31 5.55 3.08 -40.66
C VAL A 31 4.40 2.50 -39.85
N TYR A 32 4.71 2.15 -38.60
CA TYR A 32 3.72 1.61 -37.65
C TYR A 32 3.61 2.61 -36.50
N ARG A 33 2.53 3.39 -36.49
CA ARG A 33 2.36 4.46 -35.53
C ARG A 33 0.95 4.41 -34.93
N ALA A 34 0.82 5.03 -33.75
CA ALA A 34 -0.45 5.08 -33.05
C ALA A 34 -1.31 6.22 -33.57
N PHE A 35 -2.61 5.97 -33.69
CA PHE A 35 -3.55 6.92 -34.24
C PHE A 35 -4.79 6.98 -33.36
N ASP A 36 -5.49 8.11 -33.42
CA ASP A 36 -6.75 8.35 -32.74
C ASP A 36 -7.79 8.64 -33.82
N ILE A 37 -8.44 7.58 -34.30
CA ILE A 37 -9.25 7.64 -35.52
C ILE A 37 -10.72 7.51 -35.17
N TYR A 38 -11.54 8.35 -35.82
CA TYR A 38 -13.00 8.25 -35.74
C TYR A 38 -13.53 8.83 -37.04
N ASN A 39 -13.86 7.98 -38.00
CA ASN A 39 -14.17 8.44 -39.36
C ASN A 39 -15.36 7.69 -39.95
N ASP A 40 -16.42 7.51 -39.15
CA ASP A 40 -17.69 6.95 -39.59
C ASP A 40 -17.59 5.48 -39.98
N LYS A 41 -16.40 4.89 -39.96
CA LYS A 41 -16.24 3.47 -40.23
C LYS A 41 -15.34 2.76 -39.24
N VAL A 42 -14.45 3.47 -38.55
CA VAL A 42 -13.57 2.88 -37.55
C VAL A 42 -13.42 3.89 -36.42
N ALA A 43 -13.26 3.38 -35.20
CA ALA A 43 -13.08 4.24 -34.05
C ALA A 43 -12.20 3.54 -33.03
N GLY A 44 -11.23 4.26 -32.50
CA GLY A 44 -10.36 3.73 -31.47
C GLY A 44 -9.05 4.47 -31.41
N PHE A 45 -8.29 4.15 -30.38
CA PHE A 45 -6.94 4.66 -30.18
C PHE A 45 -5.98 3.47 -30.30
N ALA A 46 -5.61 3.16 -31.53
CA ALA A 46 -4.87 1.95 -31.84
C ALA A 46 -3.68 2.28 -32.74
N LYS A 47 -2.97 1.23 -33.15
CA LYS A 47 -1.80 1.36 -34.01
C LYS A 47 -2.18 0.91 -35.42
N PHE A 48 -1.91 1.76 -36.41
CA PHE A 48 -2.25 1.48 -37.80
C PHE A 48 -1.03 1.66 -38.67
N LEU A 49 -1.07 1.03 -39.85
CA LEU A 49 -0.02 1.19 -40.84
C LEU A 49 -0.22 2.50 -41.60
N LYS A 50 0.83 3.30 -41.68
CA LYS A 50 0.79 4.61 -42.33
C LYS A 50 1.78 4.61 -43.48
N THR A 51 1.29 4.43 -44.70
CA THR A 51 2.11 4.50 -45.91
C THR A 51 1.42 5.43 -46.90
N ASN A 52 1.65 6.74 -46.74
CA ASN A 52 1.20 7.71 -47.71
C ASN A 52 2.18 8.87 -47.89
N CYS A 53 3.32 8.87 -47.21
CA CYS A 53 4.25 9.98 -47.25
C CYS A 53 5.68 9.47 -47.41
N CYS A 54 6.52 10.29 -48.04
CA CYS A 54 7.95 10.04 -48.14
C CYS A 54 8.65 10.86 -47.06
N ARG A 55 9.56 10.22 -46.33
CA ARG A 55 10.20 10.82 -45.18
C ARG A 55 11.69 10.96 -45.41
N PHE A 56 12.22 12.17 -45.20
CA PHE A 56 13.64 12.46 -45.33
C PHE A 56 14.17 12.98 -44.01
N GLN A 57 15.44 12.66 -43.73
CA GLN A 57 16.09 13.12 -42.52
C GLN A 57 17.09 14.22 -42.83
N GLU A 58 17.30 15.10 -41.86
CA GLU A 58 18.20 16.24 -42.00
C GLU A 58 19.43 16.04 -41.13
N LYS A 59 20.60 16.38 -41.68
CA LYS A 59 21.86 16.27 -40.98
C LYS A 59 22.33 17.66 -40.57
N ASP A 60 22.71 17.81 -39.30
CA ASP A 60 23.16 19.11 -38.82
C ASP A 60 24.40 19.58 -39.57
N GLU A 61 25.48 18.83 -39.47
CA GLU A 61 26.72 19.13 -40.19
C GLU A 61 27.59 17.88 -40.15
N ASP A 62 28.70 17.94 -40.89
CA ASP A 62 29.62 16.79 -41.01
C ASP A 62 28.79 15.61 -41.53
N ASP A 63 28.64 14.53 -40.77
CA ASP A 63 27.82 13.40 -41.19
C ASP A 63 27.00 12.87 -40.03
N ASN A 64 26.50 13.77 -39.18
CA ASN A 64 25.73 13.39 -37.99
C ASN A 64 24.25 13.70 -38.22
N LEU A 65 23.41 12.69 -38.07
CA LEU A 65 21.98 12.86 -38.21
C LEU A 65 21.37 13.43 -36.94
N ILE A 66 20.35 14.27 -37.12
CA ILE A 66 19.67 14.89 -35.99
C ILE A 66 18.21 14.46 -35.98
N ASP A 67 17.45 14.94 -35.00
CA ASP A 67 16.04 14.57 -34.85
C ASP A 67 15.18 15.63 -35.56
N SER A 68 15.12 15.52 -36.89
CA SER A 68 14.35 16.44 -37.69
C SER A 68 14.09 15.79 -39.05
N TYR A 69 12.83 15.72 -39.45
CA TYR A 69 12.43 15.02 -40.66
C TYR A 69 11.62 15.93 -41.56
N PHE A 70 11.61 15.60 -42.85
CA PHE A 70 10.86 16.31 -43.88
C PHE A 70 9.85 15.34 -44.48
N VAL A 71 8.66 15.27 -43.88
CA VAL A 71 7.64 14.33 -44.33
C VAL A 71 6.90 14.95 -45.51
N VAL A 72 6.86 14.23 -46.63
CA VAL A 72 6.20 14.68 -47.85
C VAL A 72 5.04 13.74 -48.14
N LYS A 73 3.85 14.31 -48.33
CA LYS A 73 2.63 13.54 -48.51
C LYS A 73 2.08 13.74 -49.92
N ARG A 74 1.32 12.75 -50.38
CA ARG A 74 0.78 12.75 -51.74
C ARG A 74 -0.58 12.06 -51.68
N HIS A 75 -1.66 12.86 -51.67
CA HIS A 75 -3.00 12.30 -51.54
C HIS A 75 -3.85 12.52 -52.78
N THR A 76 -4.10 13.76 -53.17
CA THR A 76 -5.00 14.07 -54.28
C THR A 76 -4.72 15.50 -54.75
N PHE A 77 -5.61 16.02 -55.59
CA PHE A 77 -5.56 17.41 -56.03
C PHE A 77 -6.54 18.30 -55.28
N SER A 78 -7.77 17.80 -55.04
CA SER A 78 -8.76 18.60 -54.33
C SER A 78 -8.29 18.94 -52.92
N ASN A 79 -7.68 17.98 -52.22
CA ASN A 79 -7.17 18.23 -50.88
C ASN A 79 -5.97 19.17 -50.90
N TYR A 80 -5.20 19.16 -51.99
CA TYR A 80 -4.02 19.99 -52.11
C TYR A 80 -4.36 21.48 -52.14
N GLN A 81 -5.58 21.83 -52.54
CA GLN A 81 -6.03 23.22 -52.47
C GLN A 81 -6.66 23.57 -51.13
N HIS A 82 -7.42 22.65 -50.55
CA HIS A 82 -8.05 22.91 -49.26
C HIS A 82 -7.00 23.09 -48.17
N GLU A 83 -6.00 22.21 -48.13
CA GLU A 83 -4.96 22.29 -47.12
C GLU A 83 -4.03 23.48 -47.32
N GLU A 84 -3.97 24.04 -48.52
CA GLU A 84 -3.24 25.28 -48.73
C GLU A 84 -4.06 26.51 -48.38
N THR A 85 -5.36 26.48 -48.66
CA THR A 85 -6.22 27.59 -48.25
C THR A 85 -6.27 27.71 -46.74
N ILE A 86 -6.34 26.59 -46.02
CA ILE A 86 -6.33 26.65 -44.57
C ILE A 86 -4.96 27.09 -44.06
N TYR A 87 -3.89 26.59 -44.67
CA TYR A 87 -2.55 26.97 -44.22
C TYR A 87 -2.31 28.46 -44.37
N ASN A 88 -2.74 29.04 -45.50
CA ASN A 88 -2.57 30.47 -45.69
C ASN A 88 -3.20 31.27 -44.57
N LEU A 89 -4.31 30.78 -44.02
CA LEU A 89 -4.94 31.45 -42.88
C LEU A 89 -4.19 31.19 -41.59
N LEU A 90 -3.63 29.99 -41.42
CA LEU A 90 -2.94 29.64 -40.18
C LEU A 90 -1.42 29.78 -40.25
N LYS A 91 -0.89 30.29 -41.37
CA LYS A 91 0.57 30.30 -41.53
C LYS A 91 1.25 31.20 -40.51
N ASP A 92 0.58 32.26 -40.06
CA ASP A 92 1.22 33.22 -39.16
C ASP A 92 1.36 32.69 -37.74
N CYS A 93 0.65 31.63 -37.38
CA CYS A 93 0.73 31.12 -36.02
C CYS A 93 2.12 30.55 -35.75
N PRO A 94 2.64 30.71 -34.53
CA PRO A 94 3.95 30.14 -34.20
C PRO A 94 3.93 28.66 -33.87
N ALA A 95 2.75 28.06 -33.70
CA ALA A 95 2.62 26.65 -33.37
C ALA A 95 2.27 25.79 -34.58
N VAL A 96 2.38 26.34 -35.78
CA VAL A 96 2.04 25.63 -37.01
C VAL A 96 3.34 25.27 -37.72
N ALA A 97 3.53 23.98 -37.99
CA ALA A 97 4.73 23.54 -38.68
C ALA A 97 4.77 24.10 -40.09
N LYS A 98 5.95 24.54 -40.51
CA LYS A 98 6.11 25.13 -41.84
C LYS A 98 5.73 24.12 -42.91
N HIS A 99 4.94 24.57 -43.88
CA HIS A 99 4.50 23.72 -44.98
C HIS A 99 5.03 24.26 -46.30
N ASP A 100 5.26 23.35 -47.24
CA ASP A 100 5.69 23.70 -48.60
C ASP A 100 4.84 22.93 -49.59
N PHE A 101 4.37 23.63 -50.62
CA PHE A 101 3.52 23.04 -51.65
C PHE A 101 4.23 23.15 -53.00
N PHE A 102 4.27 22.05 -53.74
CA PHE A 102 4.91 22.05 -55.05
C PHE A 102 4.35 20.90 -55.87
N LYS A 103 4.53 21.00 -57.18
CA LYS A 103 4.05 20.01 -58.14
C LYS A 103 5.22 19.30 -58.79
N PHE A 104 5.11 17.97 -58.90
CA PHE A 104 6.17 17.15 -59.46
C PHE A 104 5.56 16.12 -60.40
N ARG A 105 6.38 15.62 -61.32
CA ARG A 105 5.99 14.62 -62.29
C ARG A 105 6.69 13.31 -61.96
N ILE A 106 5.91 12.26 -61.71
CA ILE A 106 6.49 10.95 -61.40
C ILE A 106 6.90 10.23 -62.68
N ASP A 107 5.93 9.94 -63.54
CA ASP A 107 6.21 9.38 -64.85
C ASP A 107 5.70 10.26 -65.97
N GLY A 108 4.41 10.59 -65.97
CA GLY A 108 3.84 11.46 -66.98
C GLY A 108 2.79 12.39 -66.41
N ASP A 109 2.57 12.32 -65.11
CA ASP A 109 1.56 13.11 -64.42
C ASP A 109 2.20 14.04 -63.41
N MET A 110 1.50 15.13 -63.11
CA MET A 110 1.96 16.13 -62.16
C MET A 110 1.31 15.85 -60.81
N VAL A 111 2.02 15.09 -59.97
CA VAL A 111 1.51 14.69 -58.67
C VAL A 111 1.72 15.81 -57.65
N PRO A 112 0.67 16.33 -57.04
CA PRO A 112 0.86 17.33 -55.99
C PRO A 112 1.53 16.74 -54.76
N HIS A 113 2.30 17.58 -54.08
CA HIS A 113 3.02 17.15 -52.88
C HIS A 113 2.87 18.20 -51.80
N ILE A 114 2.76 17.74 -50.55
CA ILE A 114 2.71 18.62 -49.38
C ILE A 114 3.87 18.21 -48.47
N SER A 115 4.73 19.17 -48.14
CA SER A 115 5.93 18.91 -47.37
C SER A 115 5.86 19.63 -46.03
N ARG A 116 6.08 18.88 -44.95
CA ARG A 116 6.18 19.43 -43.61
C ARG A 116 7.64 19.41 -43.20
N GLN A 117 8.15 20.55 -42.75
CA GLN A 117 9.58 20.75 -42.57
C GLN A 117 9.96 20.67 -41.10
N ARG A 118 11.02 19.93 -40.81
CA ARG A 118 11.60 19.84 -39.47
C ARG A 118 10.60 19.29 -38.45
N LEU A 119 10.14 18.08 -38.72
CA LEU A 119 9.26 17.36 -37.81
C LEU A 119 10.06 16.37 -36.97
N THR A 120 9.48 16.02 -35.83
CA THR A 120 10.07 15.02 -34.95
C THR A 120 9.76 13.62 -35.46
N LYS A 121 10.59 12.65 -35.06
CA LYS A 121 10.38 11.27 -35.50
C LYS A 121 9.04 10.74 -35.02
N TYR A 122 8.67 11.02 -33.78
CA TYR A 122 7.43 10.55 -33.20
C TYR A 122 6.53 11.73 -32.86
N THR A 123 5.24 11.43 -32.66
CA THR A 123 4.25 12.44 -32.29
C THR A 123 3.86 12.26 -30.83
N MET A 124 2.90 13.07 -30.37
CA MET A 124 2.43 12.95 -29.00
C MET A 124 1.54 11.73 -28.82
N ALA A 125 0.85 11.29 -29.88
CA ALA A 125 0.06 10.08 -29.78
C ALA A 125 0.95 8.87 -29.49
N ASP A 126 2.13 8.82 -30.10
CA ASP A 126 3.06 7.73 -29.82
C ASP A 126 3.50 7.75 -28.36
N LEU A 127 3.81 8.93 -27.84
CA LEU A 127 4.23 9.03 -26.44
C LEU A 127 3.12 8.58 -25.51
N VAL A 128 1.87 8.96 -25.80
CA VAL A 128 0.76 8.57 -24.95
C VAL A 128 0.49 7.08 -25.04
N TYR A 129 0.55 6.53 -26.26
CA TYR A 129 0.28 5.10 -26.44
C TYR A 129 1.35 4.24 -25.78
N ALA A 130 2.61 4.66 -25.86
CA ALA A 130 3.68 3.86 -25.27
C ALA A 130 3.54 3.75 -23.77
N LEU A 131 2.94 4.76 -23.13
CA LEU A 131 2.81 4.77 -21.67
C LEU A 131 1.47 4.28 -21.18
N ARG A 132 0.42 4.32 -22.01
CA ARG A 132 -0.89 3.80 -21.62
C ARG A 132 -1.11 2.36 -22.08
N HIS A 133 -0.19 1.78 -22.85
CA HIS A 133 -0.26 0.39 -23.28
C HIS A 133 1.10 -0.27 -23.09
N PHE A 134 1.67 -0.12 -21.90
CA PHE A 134 3.04 -0.54 -21.65
C PHE A 134 3.16 -2.06 -21.69
N ASP A 135 4.15 -2.54 -22.44
CA ASP A 135 4.56 -3.94 -22.42
C ASP A 135 6.06 -3.98 -22.19
N GLU A 136 6.48 -4.71 -21.14
CA GLU A 136 7.89 -4.75 -20.78
C GLU A 136 8.75 -5.47 -21.81
N GLY A 137 8.15 -6.34 -22.62
CA GLY A 137 8.90 -7.07 -23.63
C GLY A 137 9.03 -6.33 -24.93
N ASN A 138 8.04 -5.49 -25.26
CA ASN A 138 8.04 -4.69 -26.49
C ASN A 138 7.80 -3.24 -26.09
N CYS A 139 8.88 -2.53 -25.77
CA CYS A 139 8.82 -1.12 -25.39
C CYS A 139 9.89 -0.32 -26.09
N ASP A 140 10.16 -0.65 -27.36
CA ASP A 140 11.24 0.01 -28.09
C ASP A 140 10.93 1.48 -28.38
N THR A 141 9.66 1.80 -28.66
CA THR A 141 9.30 3.19 -28.90
C THR A 141 9.54 4.05 -27.67
N LEU A 142 9.16 3.56 -26.50
CA LEU A 142 9.39 4.30 -25.26
C LEU A 142 10.88 4.47 -25.01
N LYS A 143 11.67 3.42 -25.24
CA LYS A 143 13.12 3.53 -25.06
C LYS A 143 13.71 4.57 -25.98
N GLU A 144 13.29 4.58 -27.25
CA GLU A 144 13.82 5.55 -28.20
C GLU A 144 13.43 6.97 -27.81
N ILE A 145 12.18 7.16 -27.39
CA ILE A 145 11.75 8.50 -26.97
C ILE A 145 12.55 8.96 -25.77
N LEU A 146 12.76 8.07 -24.79
CA LEU A 146 13.52 8.45 -23.60
C LEU A 146 14.96 8.80 -23.95
N VAL A 147 15.60 7.99 -24.79
CA VAL A 147 17.01 8.22 -25.09
C VAL A 147 17.18 9.47 -25.95
N THR A 148 16.31 9.69 -26.93
CA THR A 148 16.50 10.79 -27.86
C THR A 148 16.40 12.15 -27.19
N TYR A 149 15.65 12.24 -26.08
CA TYR A 149 15.42 13.51 -25.40
C TYR A 149 16.17 13.60 -24.09
N ASN A 150 17.28 12.88 -23.97
CA ASN A 150 18.22 13.02 -22.85
C ASN A 150 17.56 12.76 -21.51
N CYS A 151 16.56 11.88 -21.48
CA CYS A 151 16.00 11.46 -20.19
C CYS A 151 16.94 10.49 -19.50
N CYS A 152 17.55 9.58 -20.25
CA CYS A 152 18.52 8.63 -19.71
C CYS A 152 19.50 8.29 -20.83
N ASP A 153 20.28 7.24 -20.64
CA ASP A 153 21.18 6.74 -21.65
C ASP A 153 20.79 5.33 -22.05
N ASP A 154 21.34 4.87 -23.18
CA ASP A 154 20.98 3.55 -23.69
C ASP A 154 21.36 2.44 -22.72
N ASP A 155 22.28 2.71 -21.79
CA ASP A 155 22.68 1.70 -20.82
C ASP A 155 21.76 1.64 -19.60
N TYR A 156 20.88 2.63 -19.42
CA TYR A 156 19.97 2.59 -18.28
C TYR A 156 19.02 1.41 -18.35
N PHE A 157 18.80 0.85 -19.54
CA PHE A 157 17.89 -0.28 -19.71
C PHE A 157 18.57 -1.62 -19.46
N ASN A 158 19.90 -1.63 -19.23
CA ASN A 158 20.56 -2.87 -18.84
C ASN A 158 20.20 -3.28 -17.42
N LYS A 159 19.88 -2.30 -16.56
CA LYS A 159 19.41 -2.58 -15.22
C LYS A 159 18.01 -3.16 -15.28
N LYS A 160 17.90 -4.48 -15.14
CA LYS A 160 16.59 -5.12 -15.19
C LYS A 160 15.72 -4.60 -14.05
N ASP A 161 14.42 -4.51 -14.31
CA ASP A 161 13.44 -3.91 -13.42
C ASP A 161 13.46 -2.39 -13.48
N TRP A 162 14.00 -1.81 -14.56
CA TRP A 162 14.04 -0.36 -14.67
C TRP A 162 12.64 0.23 -14.73
N TYR A 163 11.73 -0.43 -15.43
CA TYR A 163 10.35 0.05 -15.55
C TYR A 163 9.60 0.01 -14.24
N ASP A 164 10.05 -0.81 -13.28
CA ASP A 164 9.27 -1.05 -12.07
C ASP A 164 9.12 0.23 -11.25
N PHE A 165 7.93 0.41 -10.66
CA PHE A 165 7.65 1.54 -9.80
C PHE A 165 8.02 1.26 -8.35
N VAL A 166 7.55 0.13 -7.81
CA VAL A 166 7.86 -0.21 -6.43
C VAL A 166 9.36 -0.46 -6.27
N GLU A 167 9.96 -1.22 -7.18
CA GLU A 167 11.39 -1.42 -7.22
C GLU A 167 11.99 -0.46 -8.24
N ASN A 168 13.12 0.14 -7.90
CA ASN A 168 13.70 1.15 -8.77
C ASN A 168 12.75 2.35 -8.90
N PRO A 169 12.52 3.09 -7.82
CA PRO A 169 11.70 4.30 -7.90
C PRO A 169 12.38 5.48 -8.59
N ASP A 170 13.55 5.28 -9.18
CA ASP A 170 14.20 6.31 -9.99
C ASP A 170 13.58 6.44 -11.37
N ILE A 171 12.70 5.51 -11.75
CA ILE A 171 11.99 5.64 -13.01
C ILE A 171 11.10 6.88 -12.98
N LEU A 172 10.61 7.26 -11.80
CA LEU A 172 9.84 8.50 -11.70
C LEU A 172 10.69 9.71 -12.07
N ARG A 173 11.93 9.76 -11.58
CA ARG A 173 12.82 10.85 -11.96
C ARG A 173 13.16 10.80 -13.44
N VAL A 174 13.31 9.60 -14.00
CA VAL A 174 13.58 9.50 -15.42
C VAL A 174 12.39 10.01 -16.25
N TYR A 175 11.17 9.65 -15.86
CA TYR A 175 9.99 10.08 -16.58
C TYR A 175 9.78 11.58 -16.44
N ALA A 176 10.09 12.15 -15.27
CA ALA A 176 9.87 13.57 -15.03
C ALA A 176 10.75 14.46 -15.90
N ASN A 177 11.54 13.90 -16.79
CA ASN A 177 12.38 14.66 -17.71
C ASN A 177 11.63 15.08 -18.97
N LEU A 178 10.39 14.66 -19.14
CA LEU A 178 9.55 15.07 -20.26
C LEU A 178 8.51 16.11 -19.85
N GLY A 179 8.55 16.57 -18.61
CA GLY A 179 7.52 17.47 -18.12
C GLY A 179 7.50 18.79 -18.86
N GLU A 180 8.69 19.38 -19.06
CA GLU A 180 8.73 20.67 -19.75
C GLU A 180 8.36 20.53 -21.22
N ARG A 181 8.73 19.42 -21.85
CA ARG A 181 8.30 19.17 -23.22
C ARG A 181 6.78 19.10 -23.30
N VAL A 182 6.15 18.39 -22.37
CA VAL A 182 4.70 18.29 -22.38
C VAL A 182 4.06 19.64 -22.11
N ARG A 183 4.65 20.42 -21.20
CA ARG A 183 4.10 21.74 -20.89
C ARG A 183 4.17 22.67 -22.09
N GLN A 184 5.30 22.67 -22.81
CA GLN A 184 5.40 23.48 -24.02
C GLN A 184 4.44 22.99 -25.09
N ALA A 185 4.22 21.68 -25.17
CA ALA A 185 3.21 21.17 -26.10
C ALA A 185 1.83 21.71 -25.75
N LEU A 186 1.48 21.75 -24.46
CA LEU A 186 0.19 22.29 -24.05
C LEU A 186 0.07 23.77 -24.40
N LEU A 187 1.14 24.53 -24.16
CA LEU A 187 1.12 25.96 -24.49
C LEU A 187 0.92 26.18 -25.99
N LYS A 188 1.63 25.41 -26.81
CA LYS A 188 1.45 25.54 -28.26
C LYS A 188 0.07 25.08 -28.69
N THR A 189 -0.52 24.11 -27.99
CA THR A 189 -1.89 23.72 -28.27
C THR A 189 -2.84 24.87 -28.02
N VAL A 190 -2.66 25.59 -26.92
CA VAL A 190 -3.52 26.75 -26.64
C VAL A 190 -3.34 27.82 -27.71
N GLN A 191 -2.09 28.07 -28.12
CA GLN A 191 -1.85 29.04 -29.17
C GLN A 191 -2.55 28.64 -30.46
N PHE A 192 -2.45 27.37 -30.84
CA PHE A 192 -3.12 26.88 -32.04
C PHE A 192 -4.63 27.02 -31.93
N CYS A 193 -5.18 26.73 -30.76
CA CYS A 193 -6.62 26.88 -30.56
C CYS A 193 -7.04 28.33 -30.76
N ASP A 194 -6.29 29.27 -30.21
CA ASP A 194 -6.63 30.68 -30.40
C ASP A 194 -6.52 31.08 -31.86
N ALA A 195 -5.47 30.62 -32.55
CA ALA A 195 -5.34 30.94 -33.97
C ALA A 195 -6.50 30.40 -34.77
N MET A 196 -6.91 29.15 -34.50
CA MET A 196 -8.05 28.57 -35.19
C MET A 196 -9.33 29.34 -34.90
N ARG A 197 -9.53 29.73 -33.64
CA ARG A 197 -10.70 30.53 -33.30
C ARG A 197 -10.74 31.82 -34.10
N ASN A 198 -9.58 32.44 -34.30
CA ASN A 198 -9.52 33.62 -35.15
C ASN A 198 -9.62 33.22 -36.62
N ALA A 199 -10.56 33.84 -37.33
CA ALA A 199 -10.88 33.67 -38.74
C ALA A 199 -11.69 32.41 -39.03
N GLY A 200 -11.82 31.47 -38.09
CA GLY A 200 -12.76 30.37 -38.23
C GLY A 200 -12.14 29.17 -38.92
N ILE A 201 -11.72 28.19 -38.15
CA ILE A 201 -11.13 26.98 -38.72
C ILE A 201 -11.72 25.74 -38.05
N VAL A 202 -13.00 25.81 -37.67
CA VAL A 202 -13.64 24.77 -36.86
C VAL A 202 -13.19 23.39 -37.29
N GLY A 203 -12.72 22.60 -36.34
CA GLY A 203 -12.20 21.27 -36.62
C GLY A 203 -11.86 20.56 -35.33
N VAL A 204 -11.39 19.32 -35.47
CA VAL A 204 -11.10 18.45 -34.34
C VAL A 204 -9.59 18.33 -34.18
N LEU A 205 -9.11 18.58 -32.96
CA LEU A 205 -7.69 18.45 -32.66
C LEU A 205 -7.40 17.01 -32.22
N THR A 206 -6.37 16.41 -32.81
CA THR A 206 -6.01 15.03 -32.52
C THR A 206 -4.56 14.96 -32.09
N LEU A 207 -4.26 13.96 -31.25
CA LEU A 207 -2.92 13.84 -30.69
C LEU A 207 -1.88 13.55 -31.76
N ASP A 208 -2.20 12.68 -32.72
CA ASP A 208 -1.23 12.28 -33.73
C ASP A 208 -0.90 13.37 -34.72
N ASN A 209 -1.64 14.48 -34.71
CA ASN A 209 -1.37 15.60 -35.61
C ASN A 209 -0.47 16.65 -34.96
N GLN A 210 0.22 16.30 -33.88
CA GLN A 210 1.17 17.19 -33.23
C GLN A 210 2.42 16.39 -32.92
N ASP A 211 3.58 16.91 -33.32
CA ASP A 211 4.83 16.22 -33.03
C ASP A 211 5.28 16.52 -31.61
N LEU A 212 6.42 15.96 -31.21
CA LEU A 212 6.91 16.12 -29.86
C LEU A 212 7.46 17.51 -29.60
N ASN A 213 7.64 18.33 -30.63
CA ASN A 213 8.00 19.73 -30.45
C ASN A 213 6.80 20.62 -30.18
N GLY A 214 5.58 20.10 -30.35
CA GLY A 214 4.39 20.88 -30.10
C GLY A 214 3.81 21.59 -31.30
N ASN A 215 4.22 21.21 -32.51
CA ASN A 215 3.77 21.88 -33.73
C ASN A 215 2.68 21.06 -34.41
N TRP A 216 1.68 21.76 -34.95
CA TRP A 216 0.52 21.14 -35.58
C TRP A 216 0.65 21.25 -37.10
N TYR A 217 0.34 20.16 -37.80
CA TYR A 217 0.65 20.11 -39.23
C TYR A 217 -0.43 19.51 -40.13
N ASP A 218 -1.58 19.10 -39.62
CA ASP A 218 -2.60 18.47 -40.44
C ASP A 218 -3.87 19.32 -40.44
N PHE A 219 -4.32 19.73 -41.62
CA PHE A 219 -5.51 20.55 -41.78
C PHE A 219 -6.48 19.97 -42.79
N GLY A 220 -6.43 18.65 -42.99
CA GLY A 220 -7.20 18.02 -44.04
C GLY A 220 -8.68 17.85 -43.75
N ASP A 221 -9.11 18.06 -42.50
CA ASP A 221 -10.51 17.90 -42.13
C ASP A 221 -11.12 19.18 -41.58
N PHE A 222 -10.42 20.31 -41.69
CA PHE A 222 -10.94 21.58 -41.21
C PHE A 222 -11.88 22.19 -42.24
N ILE A 223 -12.68 23.15 -41.79
CA ILE A 223 -13.61 23.87 -42.66
C ILE A 223 -13.65 25.33 -42.26
N GLN A 224 -13.82 26.19 -43.25
CA GLN A 224 -13.81 27.64 -43.03
C GLN A 224 -15.10 28.07 -42.33
N THR A 225 -15.15 29.36 -42.00
CA THR A 225 -16.28 29.98 -41.30
C THR A 225 -16.00 31.47 -41.26
N THR A 226 -16.98 32.23 -40.78
CA THR A 226 -16.82 33.67 -40.67
C THR A 226 -15.72 34.01 -39.67
N PRO A 227 -14.71 34.77 -40.06
CA PRO A 227 -13.65 35.13 -39.12
C PRO A 227 -14.20 35.60 -37.78
N GLY A 228 -13.64 35.07 -36.70
CA GLY A 228 -13.97 35.48 -35.35
C GLY A 228 -14.74 34.44 -34.55
N SER A 229 -15.38 33.48 -35.21
CA SER A 229 -16.17 32.44 -34.54
C SER A 229 -15.73 31.08 -35.05
N GLY A 230 -14.67 30.53 -34.47
CA GLY A 230 -14.21 29.21 -34.80
C GLY A 230 -14.02 28.37 -33.55
N VAL A 231 -14.51 27.15 -33.55
CA VAL A 231 -14.53 26.30 -32.36
C VAL A 231 -13.64 25.09 -32.60
N PRO A 232 -12.55 24.93 -31.85
CA PRO A 232 -11.82 23.66 -31.86
C PRO A 232 -12.47 22.64 -30.94
N VAL A 233 -12.32 21.37 -31.29
CA VAL A 233 -12.80 20.26 -30.48
C VAL A 233 -11.59 19.59 -29.84
N VAL A 234 -11.53 19.65 -28.51
CA VAL A 234 -10.33 19.23 -27.79
C VAL A 234 -10.68 18.22 -26.70
N ASP A 235 -11.73 17.43 -26.92
CA ASP A 235 -12.14 16.45 -25.92
C ASP A 235 -11.19 15.25 -25.89
N SER A 236 -11.05 14.56 -27.02
CA SER A 236 -10.20 13.38 -27.07
C SER A 236 -8.75 13.73 -26.74
N TYR A 237 -8.26 14.84 -27.29
CA TYR A 237 -6.87 15.26 -27.05
C TYR A 237 -6.57 15.34 -25.56
N TYR A 238 -7.25 16.25 -24.87
CA TYR A 238 -6.99 16.45 -23.44
C TYR A 238 -7.29 15.20 -22.64
N SER A 239 -8.42 14.54 -22.93
CA SER A 239 -8.82 13.40 -22.11
C SER A 239 -7.81 12.26 -22.21
N LEU A 240 -7.29 12.00 -23.41
CA LEU A 240 -6.29 10.94 -23.57
C LEU A 240 -4.93 11.37 -23.03
N LEU A 241 -4.62 12.67 -23.07
CA LEU A 241 -3.34 13.13 -22.55
C LEU A 241 -3.33 13.28 -21.03
N MET A 242 -4.48 13.28 -20.38
CA MET A 242 -4.56 13.52 -18.94
C MET A 242 -3.66 12.62 -18.10
N PRO A 243 -3.65 11.30 -18.28
CA PRO A 243 -2.84 10.45 -17.39
C PRO A 243 -1.36 10.74 -17.46
N ILE A 244 -0.86 11.33 -18.55
CA ILE A 244 0.57 11.58 -18.71
C ILE A 244 1.03 12.87 -18.05
N LEU A 245 0.11 13.75 -17.64
CA LEU A 245 0.50 15.02 -17.06
C LEU A 245 0.99 14.89 -15.62
N THR A 246 0.65 13.81 -14.94
CA THR A 246 1.15 13.57 -13.59
C THR A 246 2.29 12.57 -13.54
N LEU A 247 2.35 11.64 -14.49
CA LEU A 247 3.48 10.72 -14.56
C LEU A 247 4.78 11.45 -14.86
N THR A 248 4.73 12.44 -15.76
CA THR A 248 5.90 13.21 -16.13
C THR A 248 6.03 14.51 -15.36
N ARG A 249 5.12 14.79 -14.44
CA ARG A 249 5.14 16.03 -13.65
C ARG A 249 5.32 17.25 -14.56
N ALA A 250 4.33 17.44 -15.43
CA ALA A 250 4.44 18.50 -16.44
C ALA A 250 4.47 19.88 -15.80
N LEU A 251 3.67 20.11 -14.77
CA LEU A 251 3.49 21.43 -14.18
C LEU A 251 4.47 21.72 -13.06
N THR A 252 5.64 21.09 -13.06
CA THR A 252 6.62 21.38 -12.02
C THR A 252 7.14 22.80 -12.11
N ALA A 253 7.32 23.31 -13.34
CA ALA A 253 7.85 24.66 -13.52
C ALA A 253 6.91 25.74 -13.01
N GLU A 254 5.65 25.41 -12.75
CA GLU A 254 4.71 26.41 -12.24
C GLU A 254 4.99 26.80 -10.79
N SER A 255 5.86 26.07 -10.11
CA SER A 255 6.21 26.38 -8.72
C SER A 255 7.44 27.25 -8.61
N HIS A 256 8.05 27.66 -9.73
CA HIS A 256 9.20 28.55 -9.71
C HIS A 256 8.74 29.99 -9.92
N VAL A 257 9.69 30.92 -9.85
CA VAL A 257 9.35 32.34 -9.72
C VAL A 257 8.59 32.82 -10.95
N ASP A 258 9.24 32.78 -12.12
CA ASP A 258 8.63 33.24 -13.36
C ASP A 258 8.28 32.08 -14.28
N THR A 259 7.86 30.96 -13.68
CA THR A 259 7.67 29.72 -14.43
C THR A 259 8.95 29.27 -15.10
N ASP A 260 10.09 29.63 -14.49
CA ASP A 260 11.41 29.32 -15.01
C ASP A 260 12.07 28.29 -14.10
N LEU A 261 12.53 27.19 -14.69
CA LEU A 261 13.17 26.14 -13.90
C LEU A 261 14.53 26.56 -13.36
N THR A 262 15.11 27.65 -13.86
CA THR A 262 16.42 28.11 -13.42
C THR A 262 16.36 29.10 -12.27
N LYS A 263 15.17 29.47 -11.81
CA LYS A 263 14.98 30.42 -10.73
C LYS A 263 14.50 29.72 -9.46
N PRO A 264 14.52 30.41 -8.33
CA PRO A 264 14.13 29.79 -7.07
C PRO A 264 12.63 29.53 -6.99
N TYR A 265 12.27 28.63 -6.09
CA TYR A 265 10.87 28.30 -5.87
C TYR A 265 10.12 29.51 -5.32
N ILE A 266 8.85 29.65 -5.72
CA ILE A 266 8.02 30.71 -5.16
C ILE A 266 7.84 30.46 -3.68
N LYS A 267 7.86 31.53 -2.90
CA LYS A 267 7.66 31.47 -1.46
C LYS A 267 6.30 32.06 -1.13
N TRP A 268 5.43 31.24 -0.54
CA TRP A 268 4.08 31.67 -0.18
C TRP A 268 4.00 31.99 1.29
N ASP A 269 3.06 32.86 1.64
CA ASP A 269 2.76 33.12 3.04
C ASP A 269 2.31 31.83 3.70
N LEU A 270 2.88 31.52 4.87
CA LEU A 270 2.56 30.26 5.53
C LEU A 270 1.11 30.20 5.99
N LEU A 271 0.43 31.33 6.04
CA LEU A 271 -0.96 31.38 6.49
C LEU A 271 -1.96 31.34 5.35
N LYS A 272 -1.49 31.21 4.11
CA LYS A 272 -2.37 31.20 2.94
C LYS A 272 -2.90 29.80 2.69
N TYR A 273 -4.22 29.69 2.52
CA TYR A 273 -4.85 28.40 2.28
C TYR A 273 -5.90 28.39 1.17
N ASP A 274 -6.29 29.55 0.62
CA ASP A 274 -7.41 29.55 -0.32
C ASP A 274 -7.01 28.99 -1.68
N PHE A 275 -6.08 29.67 -2.36
CA PHE A 275 -5.51 29.18 -3.62
C PHE A 275 -6.57 28.91 -4.68
N THR A 276 -7.62 29.73 -4.72
CA THR A 276 -8.66 29.55 -5.73
C THR A 276 -8.36 30.34 -7.00
N GLU A 277 -7.91 31.58 -6.85
CA GLU A 277 -7.53 32.38 -8.02
C GLU A 277 -6.38 31.72 -8.77
N GLU A 278 -5.42 31.14 -8.04
CA GLU A 278 -4.33 30.44 -8.69
C GLU A 278 -4.82 29.24 -9.49
N ARG A 279 -5.76 28.47 -8.92
CA ARG A 279 -6.33 27.34 -9.65
C ARG A 279 -7.05 27.81 -10.91
N LEU A 280 -7.83 28.88 -10.81
CA LEU A 280 -8.52 29.40 -11.99
C LEU A 280 -7.53 29.85 -13.05
N LYS A 281 -6.45 30.53 -12.64
CA LYS A 281 -5.45 30.97 -13.60
C LYS A 281 -4.78 29.79 -14.28
N LEU A 282 -4.43 28.74 -13.53
CA LEU A 282 -3.82 27.57 -14.12
C LEU A 282 -4.75 26.92 -15.14
N PHE A 283 -6.03 26.78 -14.77
CA PHE A 283 -6.99 26.19 -15.70
C PHE A 283 -7.12 27.01 -16.97
N ASP A 284 -7.22 28.33 -16.83
CA ASP A 284 -7.35 29.19 -18.00
C ASP A 284 -6.07 29.25 -18.82
N ARG A 285 -4.94 28.91 -18.22
CA ARG A 285 -3.67 28.92 -18.95
C ARG A 285 -3.44 27.64 -19.75
N TYR A 286 -3.73 26.48 -19.16
CA TYR A 286 -3.40 25.23 -19.83
C TYR A 286 -4.59 24.57 -20.50
N PHE A 287 -5.78 24.63 -19.90
CA PHE A 287 -7.00 24.10 -20.50
C PHE A 287 -7.96 25.26 -20.68
N LYS A 288 -7.84 25.98 -21.78
CA LYS A 288 -8.68 27.15 -22.00
C LYS A 288 -9.92 26.83 -22.81
N TYR A 289 -9.84 25.91 -23.77
CA TYR A 289 -10.97 25.56 -24.62
C TYR A 289 -11.65 24.27 -24.18
N TRP A 290 -11.30 23.74 -23.01
CA TRP A 290 -12.07 22.66 -22.42
C TRP A 290 -13.47 23.16 -22.09
N ASP A 291 -14.47 22.60 -22.77
CA ASP A 291 -15.83 23.14 -22.73
C ASP A 291 -16.62 22.46 -21.61
N GLN A 292 -16.35 22.90 -20.39
CA GLN A 292 -17.12 22.47 -19.23
C GLN A 292 -16.71 23.28 -18.03
N THR A 293 -17.70 23.72 -17.25
CA THR A 293 -17.41 24.58 -16.10
C THR A 293 -16.55 23.84 -15.08
N TYR A 294 -15.59 24.56 -14.51
CA TYR A 294 -14.67 24.00 -13.53
C TYR A 294 -14.89 24.72 -12.19
N HIS A 295 -15.17 23.95 -11.15
CA HIS A 295 -15.37 24.50 -9.81
C HIS A 295 -14.15 24.19 -8.96
N PRO A 296 -13.32 25.18 -8.62
CA PRO A 296 -12.15 24.88 -7.76
C PRO A 296 -12.55 24.26 -6.43
N ASN A 297 -13.67 24.69 -5.85
CA ASN A 297 -14.22 24.09 -4.65
C ASN A 297 -15.40 23.21 -5.05
N CYS A 298 -15.29 21.91 -4.74
CA CYS A 298 -16.31 20.96 -5.14
C CYS A 298 -17.60 21.11 -4.35
N VAL A 299 -17.62 21.94 -3.30
CA VAL A 299 -18.85 22.20 -2.57
C VAL A 299 -19.86 22.91 -3.45
N ASN A 300 -19.43 23.47 -4.57
CA ASN A 300 -20.29 24.19 -5.50
C ASN A 300 -20.72 23.34 -6.68
N CYS A 301 -20.40 22.04 -6.68
CA CYS A 301 -20.69 21.17 -7.79
C CYS A 301 -22.18 20.81 -7.84
N LEU A 302 -22.60 20.27 -8.99
CA LEU A 302 -24.00 19.95 -9.21
C LEU A 302 -24.34 18.51 -8.84
N ASP A 303 -23.45 17.57 -9.09
CA ASP A 303 -23.67 16.18 -8.72
C ASP A 303 -22.33 15.48 -8.70
N ASP A 304 -22.34 14.19 -8.31
CA ASP A 304 -21.10 13.45 -8.19
C ASP A 304 -20.38 13.32 -9.53
N ARG A 305 -21.13 13.32 -10.63
CA ARG A 305 -20.51 13.30 -11.95
C ARG A 305 -19.75 14.60 -12.21
N CYS A 306 -20.16 15.70 -11.58
CA CYS A 306 -19.38 16.93 -11.65
C CYS A 306 -18.28 16.96 -10.60
N ILE A 307 -18.52 16.32 -9.44
CA ILE A 307 -17.51 16.26 -8.40
C ILE A 307 -16.27 15.53 -8.92
N LEU A 308 -16.47 14.41 -9.60
CA LEU A 308 -15.33 13.69 -10.17
C LEU A 308 -14.60 14.56 -11.19
N HIS A 309 -15.35 15.23 -12.06
CA HIS A 309 -14.74 16.04 -13.11
C HIS A 309 -13.87 17.14 -12.52
N CYS A 310 -14.37 17.84 -11.50
CA CYS A 310 -13.61 18.94 -10.92
C CYS A 310 -12.48 18.46 -10.00
N ALA A 311 -12.69 17.37 -9.27
CA ALA A 311 -11.63 16.81 -8.45
C ALA A 311 -10.48 16.29 -9.28
N ASN A 312 -10.75 15.81 -10.50
CA ASN A 312 -9.66 15.40 -11.38
C ASN A 312 -8.73 16.56 -11.68
N PHE A 313 -9.29 17.75 -11.94
CA PHE A 313 -8.46 18.92 -12.20
C PHE A 313 -7.76 19.38 -10.93
N ASN A 314 -8.45 19.32 -9.80
CA ASN A 314 -7.84 19.74 -8.54
C ASN A 314 -6.65 18.85 -8.19
N VAL A 315 -6.73 17.56 -8.49
CA VAL A 315 -5.62 16.64 -8.20
C VAL A 315 -4.35 17.12 -8.87
N LEU A 316 -4.42 17.53 -10.14
CA LEU A 316 -3.27 18.03 -10.85
C LEU A 316 -2.84 19.41 -10.38
N PHE A 317 -3.81 20.32 -10.20
CA PHE A 317 -3.46 21.70 -9.85
C PHE A 317 -2.90 21.83 -8.45
N SER A 318 -3.19 20.88 -7.55
CA SER A 318 -2.75 20.99 -6.17
C SER A 318 -1.34 20.48 -5.95
N THR A 319 -0.67 19.99 -6.98
CA THR A 319 0.71 19.54 -6.86
C THR A 319 1.71 20.67 -6.95
N VAL A 320 1.25 21.90 -7.16
CA VAL A 320 2.13 23.06 -7.30
C VAL A 320 1.98 24.02 -6.12
N PHE A 321 1.32 23.60 -5.04
CA PHE A 321 1.12 24.43 -3.87
C PHE A 321 1.80 23.81 -2.66
N PRO A 322 2.17 24.63 -1.67
CA PRO A 322 2.91 24.11 -0.51
C PRO A 322 2.11 23.03 0.21
N PRO A 323 2.78 21.97 0.69
CA PRO A 323 2.06 20.90 1.37
C PRO A 323 1.58 21.26 2.77
N THR A 324 1.95 22.42 3.29
CA THR A 324 1.51 22.85 4.61
C THR A 324 0.20 23.62 4.59
N SER A 325 -0.36 23.87 3.41
CA SER A 325 -1.63 24.56 3.29
C SER A 325 -2.83 23.61 3.23
N PHE A 326 -2.59 22.30 3.31
CA PHE A 326 -3.64 21.30 3.27
C PHE A 326 -3.84 20.72 4.65
N GLY A 327 -5.10 20.46 5.01
CA GLY A 327 -5.43 19.91 6.30
C GLY A 327 -6.47 20.73 7.01
N PRO A 328 -6.74 20.39 8.27
CA PRO A 328 -7.76 21.13 9.03
C PRO A 328 -7.40 22.60 9.16
N LEU A 329 -8.42 23.45 9.09
CA LEU A 329 -8.29 24.89 9.28
C LEU A 329 -8.83 25.22 10.66
N VAL A 330 -7.99 25.81 11.51
CA VAL A 330 -8.32 26.02 12.91
C VAL A 330 -8.52 27.51 13.18
N ARG A 331 -9.24 27.78 14.26
CA ARG A 331 -9.48 29.15 14.71
C ARG A 331 -9.77 29.11 16.20
N LYS A 332 -9.71 30.28 16.83
CA LYS A 332 -9.85 30.40 18.28
C LYS A 332 -11.30 30.68 18.64
N ILE A 333 -11.89 29.80 19.44
CA ILE A 333 -13.21 30.02 20.01
C ILE A 333 -13.04 30.27 21.51
N PHE A 334 -14.12 30.71 22.15
CA PHE A 334 -14.10 31.07 23.56
C PHE A 334 -15.16 30.26 24.29
N VAL A 335 -14.72 29.30 25.11
CA VAL A 335 -15.63 28.52 25.94
C VAL A 335 -15.61 29.13 27.33
N ASP A 336 -16.67 29.88 27.66
CA ASP A 336 -16.85 30.58 28.93
C ASP A 336 -15.77 31.62 29.17
N GLY A 337 -15.07 32.03 28.12
CA GLY A 337 -14.06 33.05 28.18
C GLY A 337 -12.63 32.57 28.04
N VAL A 338 -12.39 31.27 28.18
CA VAL A 338 -11.05 30.70 28.06
C VAL A 338 -10.85 30.29 26.61
N PRO A 339 -9.86 30.84 25.91
CA PRO A 339 -9.71 30.56 24.47
C PRO A 339 -9.41 29.09 24.18
N PHE A 340 -9.95 28.62 23.07
CA PHE A 340 -9.72 27.29 22.53
C PHE A 340 -9.06 27.41 21.15
N VAL A 341 -8.79 26.25 20.55
CA VAL A 341 -8.29 26.17 19.17
C VAL A 341 -8.93 24.95 18.54
N VAL A 342 -9.85 25.16 17.60
CA VAL A 342 -10.64 24.08 17.03
C VAL A 342 -10.58 24.14 15.51
N SER A 343 -10.96 23.04 14.88
CA SER A 343 -11.00 22.93 13.43
C SER A 343 -12.37 23.36 12.93
N THR A 344 -12.40 24.33 12.02
CA THR A 344 -13.63 24.86 11.46
C THR A 344 -13.57 24.87 9.94
N GLY A 345 -13.09 23.78 9.35
CA GLY A 345 -12.95 23.68 7.92
C GLY A 345 -11.95 22.60 7.55
N TYR A 346 -11.60 22.58 6.27
CA TYR A 346 -10.65 21.61 5.75
C TYR A 346 -10.26 22.02 4.34
N HIS A 347 -9.01 21.77 3.98
CA HIS A 347 -8.48 22.08 2.64
C HIS A 347 -8.02 20.78 2.00
N PHE A 348 -8.87 20.20 1.15
CA PHE A 348 -8.55 18.95 0.46
C PHE A 348 -7.77 19.24 -0.80
N ARG A 349 -6.86 18.33 -1.15
CA ARG A 349 -6.20 18.43 -2.45
C ARG A 349 -7.12 18.14 -3.60
N GLU A 350 -8.30 17.56 -3.33
CA GLU A 350 -9.24 17.17 -4.37
C GLU A 350 -10.59 17.87 -4.28
N LEU A 351 -11.02 18.25 -3.07
CA LEU A 351 -12.35 18.81 -2.89
C LEU A 351 -12.37 20.31 -2.65
N GLY A 352 -11.24 20.92 -2.34
CA GLY A 352 -11.16 22.37 -2.23
C GLY A 352 -11.09 22.84 -0.77
N VAL A 353 -11.91 23.84 -0.45
CA VAL A 353 -11.76 24.62 0.77
C VAL A 353 -13.01 24.55 1.64
N VAL A 354 -13.62 23.37 1.73
CA VAL A 354 -14.87 23.16 2.47
C VAL A 354 -14.84 23.90 3.81
N HIS A 355 -15.95 24.57 4.14
CA HIS A 355 -16.09 25.36 5.36
C HIS A 355 -17.26 24.84 6.19
N ASN A 356 -17.06 24.77 7.50
CA ASN A 356 -18.13 24.35 8.40
C ASN A 356 -19.18 25.44 8.53
N GLN A 357 -20.43 25.03 8.81
CA GLN A 357 -21.54 25.95 8.90
C GLN A 357 -22.01 26.22 10.31
N ASP A 358 -21.59 25.44 11.30
CA ASP A 358 -22.11 25.58 12.65
C ASP A 358 -21.03 25.94 13.66
N VAL A 359 -20.18 26.91 13.33
CA VAL A 359 -19.11 27.32 14.21
C VAL A 359 -19.67 28.28 15.26
N ASN A 360 -19.42 27.97 16.54
CA ASN A 360 -19.85 28.78 17.66
C ASN A 360 -18.64 29.47 18.26
N LEU A 361 -18.51 30.79 18.03
CA LEU A 361 -17.36 31.51 18.52
C LEU A 361 -17.43 31.72 20.03
N HIS A 362 -18.62 31.89 20.58
CA HIS A 362 -18.82 32.06 22.01
C HIS A 362 -19.77 30.99 22.51
N SER A 363 -19.38 30.30 23.58
CA SER A 363 -20.17 29.23 24.15
C SER A 363 -20.31 29.42 25.65
N SER A 364 -21.44 28.99 26.20
CA SER A 364 -21.70 29.10 27.63
C SER A 364 -21.25 27.84 28.37
N ARG A 365 -21.57 26.67 27.84
CA ARG A 365 -21.20 25.38 28.44
C ARG A 365 -20.56 24.50 27.36
N LEU A 366 -20.32 23.25 27.72
CA LEU A 366 -19.76 22.26 26.80
C LEU A 366 -20.48 20.94 27.02
N SER A 367 -21.32 20.54 26.06
CA SER A 367 -22.13 19.34 26.19
C SER A 367 -21.28 18.10 25.92
N PHE A 368 -21.94 16.94 25.96
CA PHE A 368 -21.22 15.69 25.70
C PHE A 368 -20.88 15.53 24.23
N LYS A 369 -21.81 15.87 23.33
CA LYS A 369 -21.52 15.81 21.90
C LYS A 369 -20.38 16.76 21.54
N GLU A 370 -20.42 17.99 22.07
CA GLU A 370 -19.35 18.94 21.82
C GLU A 370 -18.04 18.46 22.42
N LEU A 371 -18.09 17.83 23.59
CA LEU A 371 -16.89 17.29 24.20
C LEU A 371 -16.26 16.21 23.31
N LEU A 372 -17.10 15.30 22.80
CA LEU A 372 -16.58 14.25 21.92
C LEU A 372 -16.00 14.86 20.65
N VAL A 373 -16.67 15.85 20.07
CA VAL A 373 -16.17 16.45 18.83
C VAL A 373 -14.85 17.15 19.07
N TYR A 374 -14.73 17.88 20.19
CA TYR A 374 -13.53 18.67 20.43
C TYR A 374 -12.35 17.80 20.82
N ALA A 375 -12.56 16.79 21.67
CA ALA A 375 -11.48 15.86 22.00
C ALA A 375 -11.47 14.67 21.05
N ALA A 376 -11.61 14.95 19.76
CA ALA A 376 -11.47 13.94 18.72
C ALA A 376 -10.68 14.43 17.51
N ASP A 377 -10.60 15.74 17.25
CA ASP A 377 -9.87 16.33 16.13
C ASP A 377 -8.43 16.63 16.54
N PRO A 378 -7.52 16.64 15.57
CA PRO A 378 -6.10 16.81 15.89
C PRO A 378 -5.70 18.24 16.20
N ALA A 379 -6.61 19.20 16.10
CA ALA A 379 -6.24 20.60 16.33
C ALA A 379 -5.68 20.81 17.72
N MET A 380 -6.40 20.35 18.75
CA MET A 380 -5.96 20.58 20.12
C MET A 380 -4.75 19.75 20.47
N HIS A 381 -4.67 18.52 19.96
CA HIS A 381 -3.53 17.66 20.28
C HIS A 381 -2.25 18.18 19.64
N ALA A 382 -2.33 18.62 18.39
CA ALA A 382 -1.14 19.10 17.68
C ALA A 382 -0.74 20.50 18.13
N ALA A 383 -1.71 21.37 18.43
CA ALA A 383 -1.38 22.73 18.81
C ALA A 383 -0.55 22.78 20.08
N SER A 384 -0.72 21.80 20.97
CA SER A 384 0.00 21.76 22.23
C SER A 384 1.15 20.75 22.22
N GLY A 385 1.47 20.18 21.05
CA GLY A 385 2.55 19.23 20.94
C GLY A 385 3.88 19.89 20.62
N ASN A 386 4.87 19.06 20.35
CA ASN A 386 6.21 19.52 19.99
C ASN A 386 6.47 19.31 18.51
N LEU A 387 7.28 20.20 17.94
CA LEU A 387 7.67 20.07 16.54
C LEU A 387 8.43 18.77 16.32
N LEU A 388 8.19 18.13 15.18
CA LEU A 388 8.80 16.85 14.85
C LEU A 388 9.54 16.95 13.53
N LEU A 389 10.71 16.32 13.48
CA LEU A 389 11.56 16.26 12.30
C LEU A 389 12.01 14.84 12.04
N ASP A 390 11.06 13.90 12.04
CA ASP A 390 11.38 12.50 11.81
C ASP A 390 12.12 12.31 10.49
N LYS A 391 13.37 11.88 10.56
CA LYS A 391 14.21 11.68 9.38
C LYS A 391 14.16 10.26 8.86
N ARG A 392 13.45 9.35 9.52
CA ARG A 392 13.38 7.96 9.10
C ARG A 392 12.36 7.72 8.00
N THR A 393 11.52 8.70 7.70
CA THR A 393 10.46 8.54 6.71
C THR A 393 10.34 9.81 5.90
N THR A 394 9.86 9.67 4.67
CA THR A 394 9.63 10.81 3.79
C THR A 394 8.25 11.41 3.94
N CYS A 395 7.40 10.82 4.76
CA CYS A 395 6.04 11.32 4.95
C CYS A 395 6.03 12.56 5.82
N PHE A 396 5.03 13.41 5.62
CA PHE A 396 4.91 14.64 6.37
C PHE A 396 4.62 14.35 7.83
N SER A 397 5.33 15.04 8.72
CA SER A 397 5.16 14.90 10.16
C SER A 397 4.60 16.20 10.73
N VAL A 398 3.66 16.08 11.68
CA VAL A 398 2.99 17.24 12.21
C VAL A 398 3.58 17.65 13.55
N ALA A 399 3.46 16.78 14.55
CA ALA A 399 3.92 17.10 15.90
C ALA A 399 4.10 15.81 16.68
N ALA A 400 4.82 15.94 17.80
CA ALA A 400 5.05 14.84 18.73
C ALA A 400 4.25 15.12 20.00
N LEU A 401 3.39 14.18 20.38
CA LEU A 401 2.48 14.37 21.50
C LEU A 401 3.06 13.92 22.84
N THR A 402 4.38 13.77 22.93
CA THR A 402 5.02 13.37 24.18
C THR A 402 6.46 13.85 24.13
N ASN A 403 7.27 13.39 25.08
CA ASN A 403 8.69 13.71 25.13
C ASN A 403 9.58 12.52 24.79
N ASN A 404 9.00 11.36 24.50
CA ASN A 404 9.75 10.16 24.18
C ASN A 404 9.16 9.49 22.96
N VAL A 405 10.00 8.77 22.22
CA VAL A 405 9.59 8.02 21.04
C VAL A 405 9.46 6.56 21.42
N ALA A 406 8.33 5.95 21.05
CA ALA A 406 8.03 4.58 21.42
C ALA A 406 8.49 3.62 20.33
N PHE A 407 9.19 2.57 20.73
CA PHE A 407 9.70 1.55 19.82
C PHE A 407 9.07 0.22 20.22
N GLN A 408 8.03 -0.19 19.49
CA GLN A 408 7.26 -1.38 19.82
C GLN A 408 7.74 -2.57 19.00
N THR A 409 7.92 -3.70 19.67
CA THR A 409 8.45 -4.91 19.06
C THR A 409 7.40 -6.01 19.07
N VAL A 410 7.70 -7.09 18.35
CA VAL A 410 6.84 -8.26 18.26
C VAL A 410 7.64 -9.48 18.72
N LYS A 411 7.04 -10.28 19.58
CA LYS A 411 7.70 -11.45 20.15
C LYS A 411 7.45 -12.67 19.27
N PRO A 412 8.22 -13.73 19.47
CA PRO A 412 8.07 -14.94 18.66
C PRO A 412 6.84 -15.73 19.09
N GLY A 413 6.62 -16.85 18.43
CA GLY A 413 5.50 -17.72 18.74
C GLY A 413 5.78 -18.60 19.95
N ASN A 414 4.81 -19.47 20.22
CA ASN A 414 4.89 -20.41 21.34
C ASN A 414 4.85 -21.81 20.77
N PHE A 415 5.89 -22.59 21.05
CA PHE A 415 6.00 -23.94 20.50
C PHE A 415 5.07 -24.89 21.24
N ASN A 416 4.20 -25.57 20.49
CA ASN A 416 3.32 -26.61 21.01
C ASN A 416 4.04 -27.94 20.78
N LYS A 417 4.87 -28.33 21.76
CA LYS A 417 5.76 -29.47 21.56
C LYS A 417 5.02 -30.79 21.51
N ASP A 418 3.92 -30.92 22.25
CA ASP A 418 3.20 -32.18 22.28
C ASP A 418 2.65 -32.55 20.90
N PHE A 419 2.03 -31.58 20.23
CA PHE A 419 1.49 -31.85 18.90
C PHE A 419 2.60 -32.16 17.92
N TYR A 420 3.72 -31.45 17.99
CA TYR A 420 4.84 -31.72 17.09
C TYR A 420 5.38 -33.13 17.29
N ASP A 421 5.56 -33.54 18.55
CA ASP A 421 6.04 -34.89 18.82
C ASP A 421 5.03 -35.93 18.34
N PHE A 422 3.74 -35.69 18.55
CA PHE A 422 2.72 -36.61 18.08
C PHE A 422 2.77 -36.75 16.56
N ALA A 423 2.90 -35.63 15.85
CA ALA A 423 2.97 -35.67 14.40
C ALA A 423 4.23 -36.38 13.91
N VAL A 424 5.37 -36.13 14.57
CA VAL A 424 6.61 -36.77 14.15
C VAL A 424 6.55 -38.27 14.40
N SER A 425 5.90 -38.69 15.48
CA SER A 425 5.77 -40.11 15.77
C SER A 425 4.91 -40.84 14.75
N LYS A 426 4.18 -40.12 13.91
CA LYS A 426 3.34 -40.71 12.88
C LYS A 426 3.88 -40.47 11.48
N GLY A 427 5.21 -40.33 11.35
CA GLY A 427 5.82 -40.20 10.04
C GLY A 427 5.64 -38.85 9.38
N PHE A 428 5.57 -37.78 10.15
CA PHE A 428 5.41 -36.44 9.60
C PHE A 428 6.74 -35.68 9.66
N PHE A 429 6.95 -34.83 8.66
CA PHE A 429 8.16 -34.02 8.55
C PHE A 429 9.38 -34.85 8.18
N LYS A 430 9.18 -35.98 7.51
CA LYS A 430 10.29 -36.79 7.05
C LYS A 430 10.98 -36.11 5.88
N GLU A 431 12.26 -36.45 5.70
CA GLU A 431 13.04 -35.86 4.62
C GLU A 431 12.40 -36.16 3.27
N GLY A 432 12.28 -35.14 2.43
CA GLY A 432 11.73 -35.30 1.10
C GLY A 432 10.22 -35.34 1.02
N SER A 433 9.51 -35.00 2.10
CA SER A 433 8.06 -35.02 2.10
C SER A 433 7.50 -33.80 1.38
N SER A 434 6.25 -33.93 0.94
CA SER A 434 5.56 -32.83 0.28
C SER A 434 4.88 -31.88 1.26
N VAL A 435 4.80 -32.25 2.53
CA VAL A 435 4.20 -31.40 3.57
C VAL A 435 5.35 -30.87 4.43
N GLU A 436 5.47 -29.55 4.50
CA GLU A 436 6.58 -28.89 5.17
C GLU A 436 6.05 -27.72 5.99
N LEU A 437 6.83 -27.33 7.01
CA LEU A 437 6.49 -26.16 7.81
C LEU A 437 6.93 -24.91 7.07
N LYS A 438 5.97 -24.03 6.77
CA LYS A 438 6.24 -22.79 6.06
C LYS A 438 5.68 -21.56 6.73
N HIS A 439 4.74 -21.70 7.66
CA HIS A 439 4.12 -20.57 8.34
C HIS A 439 4.59 -20.54 9.78
N PHE A 440 5.11 -19.38 10.21
CA PHE A 440 5.66 -19.21 11.54
C PHE A 440 5.18 -17.89 12.12
N PHE A 441 5.58 -17.63 13.37
CA PHE A 441 5.41 -16.34 14.00
C PHE A 441 6.74 -15.61 13.93
N PHE A 442 6.81 -14.59 13.08
CA PHE A 442 8.05 -13.83 12.93
C PHE A 442 8.10 -12.69 13.93
N ALA A 443 9.31 -12.38 14.37
CA ALA A 443 9.54 -11.32 15.35
C ALA A 443 9.99 -10.05 14.64
N GLN A 444 9.75 -8.92 15.30
CA GLN A 444 10.11 -7.62 14.75
C GLN A 444 10.77 -6.77 15.83
N ASP A 445 11.68 -5.90 15.41
CA ASP A 445 12.38 -5.01 16.31
C ASP A 445 11.63 -3.67 16.41
N GLY A 446 12.28 -2.67 17.01
CA GLY A 446 11.61 -1.41 17.29
C GLY A 446 11.35 -0.56 16.07
N ASN A 447 12.08 -0.77 14.99
CA ASN A 447 11.94 0.03 13.77
C ASN A 447 10.84 -0.48 12.84
N ALA A 448 10.19 -1.59 13.20
CA ALA A 448 9.23 -2.21 12.30
C ALA A 448 8.04 -1.30 12.02
N ALA A 449 7.54 -0.60 13.04
CA ALA A 449 6.37 0.25 12.86
C ALA A 449 6.62 1.35 11.86
N ILE A 450 7.72 2.09 12.03
CA ILE A 450 8.02 3.18 11.10
C ILE A 450 8.38 2.64 9.73
N SER A 451 9.07 1.49 9.67
CA SER A 451 9.38 0.90 8.36
C SER A 451 8.10 0.55 7.61
N ASP A 452 7.11 0.01 8.32
CA ASP A 452 5.82 -0.30 7.69
C ASP A 452 5.10 0.97 7.27
N TYR A 453 5.14 2.01 8.11
CA TYR A 453 4.44 3.24 7.77
C TYR A 453 5.05 3.90 6.54
N ASP A 454 6.37 3.84 6.41
CA ASP A 454 7.02 4.49 5.27
C ASP A 454 6.69 3.84 3.94
N TYR A 455 5.80 2.85 3.88
CA TYR A 455 5.40 2.25 2.62
C TYR A 455 4.32 3.06 1.90
N TYR A 456 3.89 4.17 2.48
CA TYR A 456 2.96 5.07 1.81
C TYR A 456 3.64 5.93 0.77
N ARG A 457 4.95 5.77 0.57
CA ARG A 457 5.64 6.46 -0.50
C ARG A 457 5.23 5.94 -1.87
N TYR A 458 4.50 4.83 -1.93
CA TYR A 458 4.00 4.29 -3.18
C TYR A 458 2.73 5.00 -3.66
N ASN A 459 2.17 5.88 -2.85
CA ASN A 459 0.99 6.66 -3.24
C ASN A 459 1.46 7.94 -3.91
N LEU A 460 1.04 8.15 -5.15
CA LEU A 460 1.43 9.32 -5.92
C LEU A 460 0.21 10.00 -6.50
N PRO A 461 0.28 11.31 -6.74
CA PRO A 461 -0.85 12.02 -7.37
C PRO A 461 -1.08 11.52 -8.78
N THR A 462 -2.25 10.93 -9.00
CA THR A 462 -2.61 10.31 -10.27
C THR A 462 -3.77 11.07 -10.89
N MET A 463 -3.59 11.51 -12.13
CA MET A 463 -4.66 12.09 -12.92
C MET A 463 -5.24 11.03 -13.83
N CYS A 464 -6.57 11.05 -13.97
CA CYS A 464 -7.27 10.02 -14.70
C CYS A 464 -7.82 10.56 -16.01
N ASP A 465 -8.18 9.64 -16.91
CA ASP A 465 -8.90 9.98 -18.13
C ASP A 465 -10.37 10.15 -17.75
N ILE A 466 -10.79 11.41 -17.57
CA ILE A 466 -12.10 11.66 -17.01
C ILE A 466 -13.21 11.21 -17.95
N ARG A 467 -13.05 11.46 -19.26
CA ARG A 467 -14.10 11.08 -20.19
C ARG A 467 -14.29 9.57 -20.25
N GLN A 468 -13.26 8.79 -19.96
CA GLN A 468 -13.40 7.34 -19.85
C GLN A 468 -13.80 6.91 -18.45
N LEU A 469 -13.33 7.61 -17.42
CA LEU A 469 -13.67 7.25 -16.05
C LEU A 469 -15.16 7.44 -15.78
N LEU A 470 -15.77 8.47 -16.38
CA LEU A 470 -17.19 8.70 -16.16
C LEU A 470 -18.03 7.55 -16.73
N PHE A 471 -17.73 7.12 -17.95
CA PHE A 471 -18.43 5.98 -18.52
C PHE A 471 -18.15 4.71 -17.72
N VAL A 472 -16.91 4.53 -17.27
CA VAL A 472 -16.59 3.34 -16.49
C VAL A 472 -17.38 3.33 -15.19
N VAL A 473 -17.54 4.49 -14.55
CA VAL A 473 -18.32 4.55 -13.32
C VAL A 473 -19.79 4.26 -13.60
N GLU A 474 -20.32 4.76 -14.72
CA GLU A 474 -21.70 4.46 -15.06
C GLU A 474 -21.92 2.97 -15.30
N VAL A 475 -20.97 2.30 -15.95
CA VAL A 475 -21.09 0.86 -16.15
C VAL A 475 -20.92 0.11 -14.84
N VAL A 476 -20.01 0.57 -13.98
CA VAL A 476 -19.75 -0.11 -12.71
C VAL A 476 -20.96 -0.02 -11.80
N ASP A 477 -21.67 1.12 -11.85
CA ASP A 477 -22.85 1.29 -11.00
C ASP A 477 -23.93 0.26 -11.29
N LYS A 478 -23.89 -0.37 -12.47
CA LYS A 478 -24.90 -1.38 -12.79
C LYS A 478 -24.67 -2.68 -12.04
N TYR A 479 -23.45 -2.92 -11.56
CA TYR A 479 -23.16 -4.14 -10.80
C TYR A 479 -23.71 -4.09 -9.38
N PHE A 480 -24.19 -2.93 -8.93
CA PHE A 480 -24.71 -2.76 -7.58
C PHE A 480 -26.18 -2.34 -7.60
N ASP A 481 -26.90 -2.72 -8.66
CA ASP A 481 -28.31 -2.34 -8.79
C ASP A 481 -29.21 -3.18 -7.90
N CYS A 482 -28.89 -4.47 -7.71
CA CYS A 482 -29.74 -5.36 -6.94
C CYS A 482 -29.48 -5.23 -5.44
N TYR A 483 -29.47 -4.00 -4.95
CA TYR A 483 -29.26 -3.72 -3.53
C TYR A 483 -30.12 -2.54 -3.13
N ASP A 484 -30.38 -2.44 -1.83
CA ASP A 484 -31.10 -1.30 -1.29
C ASP A 484 -30.28 -0.71 -0.15
N GLY A 485 -30.33 0.62 -0.04
CA GLY A 485 -29.55 1.32 0.95
C GLY A 485 -30.25 2.59 1.38
N GLY A 486 -29.67 3.23 2.40
CA GLY A 486 -30.25 4.44 2.94
C GLY A 486 -29.74 4.68 4.34
N CYS A 487 -30.29 5.70 4.98
CA CYS A 487 -29.92 6.09 6.32
C CYS A 487 -30.86 5.44 7.33
N ILE A 488 -30.28 4.90 8.40
CA ILE A 488 -31.05 4.31 9.48
C ILE A 488 -30.89 5.18 10.72
N ASN A 489 -31.70 4.89 11.73
CA ASN A 489 -31.66 5.62 12.99
C ASN A 489 -30.73 4.91 13.97
N ALA A 490 -30.49 5.55 15.10
CA ALA A 490 -29.59 4.98 16.11
C ALA A 490 -30.12 3.68 16.69
N ASN A 491 -31.44 3.46 16.63
CA ASN A 491 -32.01 2.22 17.17
C ASN A 491 -31.67 1.03 16.29
N GLN A 492 -31.71 1.22 14.97
CA GLN A 492 -31.56 0.13 14.01
C GLN A 492 -30.10 -0.19 13.68
N VAL A 493 -29.17 0.23 14.52
CA VAL A 493 -27.75 -0.07 14.30
C VAL A 493 -27.42 -1.36 15.03
N ILE A 494 -26.98 -2.37 14.28
CA ILE A 494 -26.64 -3.68 14.82
C ILE A 494 -25.13 -3.75 14.89
N VAL A 495 -24.58 -3.44 16.07
CA VAL A 495 -23.14 -3.44 16.28
C VAL A 495 -22.77 -4.68 17.08
N ASN A 496 -21.80 -5.44 16.57
CA ASN A 496 -21.33 -6.65 17.22
C ASN A 496 -19.90 -6.43 17.74
N ASN A 497 -19.58 -7.14 18.82
CA ASN A 497 -18.27 -7.00 19.46
C ASN A 497 -18.07 -5.57 19.96
N LEU A 498 -18.88 -5.18 20.92
CA LEU A 498 -18.83 -3.87 21.57
C LEU A 498 -17.55 -3.64 22.35
N ASP A 499 -16.61 -4.58 22.39
CA ASP A 499 -15.39 -4.44 23.17
C ASP A 499 -14.17 -4.21 22.27
N LYS A 500 -14.37 -3.57 21.12
CA LYS A 500 -13.29 -3.26 20.21
C LYS A 500 -12.65 -1.92 20.60
N SER A 501 -11.65 -1.51 19.83
CA SER A 501 -10.95 -0.26 20.12
C SER A 501 -11.80 0.94 19.73
N ALA A 502 -11.56 2.05 20.40
CA ALA A 502 -12.26 3.30 20.14
C ALA A 502 -11.37 4.36 19.51
N GLY A 503 -10.12 4.03 19.19
CA GLY A 503 -9.23 4.97 18.55
C GLY A 503 -8.65 5.96 19.54
N PHE A 504 -7.85 6.88 19.00
CA PHE A 504 -7.21 7.89 19.83
C PHE A 504 -8.01 9.18 19.80
N PRO A 505 -8.16 9.88 20.94
CA PRO A 505 -7.66 9.56 22.28
C PRO A 505 -8.61 8.71 23.10
N PHE A 506 -9.69 8.22 22.48
CA PHE A 506 -10.75 7.54 23.22
C PHE A 506 -10.32 6.19 23.80
N ASN A 507 -9.18 5.66 23.39
CA ASN A 507 -8.72 4.39 23.95
C ASN A 507 -8.07 4.56 25.32
N LYS A 508 -7.94 5.80 25.81
CA LYS A 508 -7.39 6.06 27.11
C LYS A 508 -8.42 5.95 28.23
N TRP A 509 -9.70 5.80 27.89
CA TRP A 509 -10.76 5.75 28.89
C TRP A 509 -11.69 4.55 28.76
N GLY A 510 -11.74 3.88 27.62
CA GLY A 510 -12.59 2.72 27.48
C GLY A 510 -12.62 2.22 26.05
N LYS A 511 -13.50 1.25 25.82
CA LYS A 511 -13.71 0.65 24.51
C LYS A 511 -15.02 1.17 23.92
N ALA A 512 -15.42 0.61 22.78
CA ALA A 512 -16.65 1.07 22.13
C ALA A 512 -17.85 0.92 23.05
N ARG A 513 -17.80 -0.02 23.99
CA ARG A 513 -18.90 -0.20 24.92
C ARG A 513 -19.13 1.06 25.77
N LEU A 514 -18.04 1.64 26.28
CA LEU A 514 -18.18 2.78 27.18
C LEU A 514 -18.82 3.98 26.47
N TYR A 515 -18.63 4.07 25.15
CA TYR A 515 -19.17 5.20 24.41
C TYR A 515 -20.53 4.93 23.81
N TYR A 516 -20.85 3.67 23.54
CA TYR A 516 -22.21 3.35 23.11
C TYR A 516 -23.19 3.35 24.28
N ASP A 517 -22.73 2.96 25.47
CA ASP A 517 -23.61 3.00 26.64
C ASP A 517 -23.78 4.41 27.19
N SER A 518 -22.76 5.27 27.04
CA SER A 518 -22.85 6.62 27.59
C SER A 518 -23.79 7.50 26.79
N MET A 519 -23.71 7.45 25.46
CA MET A 519 -24.54 8.27 24.59
C MET A 519 -25.92 7.64 24.44
N SER A 520 -26.95 8.47 24.46
CA SER A 520 -28.31 8.00 24.19
C SER A 520 -28.53 7.88 22.70
N TYR A 521 -29.75 7.50 22.31
CA TYR A 521 -30.10 7.51 20.89
C TYR A 521 -30.21 8.93 20.36
N GLU A 522 -30.73 9.85 21.18
CA GLU A 522 -30.84 11.24 20.76
C GLU A 522 -29.46 11.85 20.54
N ASP A 523 -28.50 11.57 21.42
CA ASP A 523 -27.15 12.09 21.25
C ASP A 523 -26.49 11.53 20.00
N GLN A 524 -26.68 10.24 19.74
CA GLN A 524 -26.10 9.65 18.55
C GLN A 524 -26.71 10.23 17.28
N ASP A 525 -28.03 10.43 17.28
CA ASP A 525 -28.67 11.05 16.12
C ASP A 525 -28.19 12.48 15.93
N ALA A 526 -28.02 13.23 17.02
CA ALA A 526 -27.51 14.59 16.92
C ALA A 526 -26.10 14.61 16.35
N LEU A 527 -25.24 13.70 16.81
CA LEU A 527 -23.90 13.61 16.27
C LEU A 527 -23.91 13.28 14.79
N PHE A 528 -24.77 12.34 14.39
CA PHE A 528 -24.85 11.98 12.97
C PHE A 528 -25.32 13.16 12.12
N ALA A 529 -26.33 13.90 12.62
CA ALA A 529 -26.81 15.06 11.88
C ALA A 529 -25.80 16.19 11.87
N TYR A 530 -24.91 16.25 12.85
CA TYR A 530 -23.84 17.24 12.83
C TYR A 530 -22.89 17.00 11.67
N THR A 531 -22.58 15.74 11.38
CA THR A 531 -21.62 15.41 10.34
C THR A 531 -22.14 15.69 8.94
N LYS A 532 -23.43 15.98 8.78
CA LYS A 532 -24.00 16.34 7.49
C LYS A 532 -23.96 17.83 7.22
N ARG A 533 -23.43 18.62 8.15
CA ARG A 533 -23.24 20.04 7.96
C ARG A 533 -21.86 20.53 8.33
N ASN A 534 -20.99 19.66 8.87
CA ASN A 534 -19.66 20.06 9.29
C ASN A 534 -18.70 18.90 9.04
N VAL A 535 -17.41 19.24 9.00
CA VAL A 535 -16.34 18.26 8.81
C VAL A 535 -15.70 17.99 10.15
N ILE A 536 -15.50 16.71 10.48
CA ILE A 536 -14.91 16.31 11.75
C ILE A 536 -13.63 15.53 11.50
N PRO A 537 -12.46 16.18 11.48
CA PRO A 537 -11.22 15.43 11.38
C PRO A 537 -11.01 14.55 12.59
N THR A 538 -10.42 13.37 12.37
CA THR A 538 -10.16 12.42 13.44
C THR A 538 -8.73 11.90 13.31
N ILE A 539 -8.33 11.07 14.27
CA ILE A 539 -6.98 10.54 14.36
C ILE A 539 -7.06 9.01 14.35
N THR A 540 -6.21 8.38 13.56
CA THR A 540 -6.13 6.93 13.47
C THR A 540 -4.84 6.45 14.13
N GLN A 541 -4.93 5.35 14.86
CA GLN A 541 -3.80 4.81 15.59
C GLN A 541 -3.34 3.52 14.92
N MET A 542 -2.03 3.39 14.72
CA MET A 542 -1.44 2.22 14.08
C MET A 542 -0.75 1.34 15.11
N ASN A 543 -0.95 0.03 14.99
CA ASN A 543 -0.39 -0.94 15.90
C ASN A 543 0.07 -2.16 15.11
N LEU A 544 1.07 -2.85 15.65
CA LEU A 544 1.56 -4.09 15.05
C LEU A 544 0.71 -5.26 15.53
N LYS A 545 0.57 -6.26 14.66
CA LYS A 545 -0.27 -7.41 14.94
C LYS A 545 0.56 -8.68 15.11
N TYR A 546 -0.03 -9.65 15.81
CA TYR A 546 0.63 -10.88 16.24
C TYR A 546 -0.13 -12.05 15.64
N ALA A 547 0.33 -12.54 14.49
CA ALA A 547 -0.37 -13.61 13.80
C ALA A 547 0.60 -14.39 12.92
N ILE A 548 0.16 -15.57 12.50
CA ILE A 548 0.97 -16.47 11.69
C ILE A 548 1.04 -15.96 10.26
N SER A 549 2.19 -16.12 9.63
CA SER A 549 2.39 -15.65 8.26
C SER A 549 3.52 -16.45 7.63
N ALA A 550 3.65 -16.31 6.31
CA ALA A 550 4.69 -16.99 5.54
C ALA A 550 5.83 -16.07 5.16
N LYS A 551 5.76 -14.79 5.48
CA LYS A 551 6.82 -13.83 5.20
C LYS A 551 7.06 -12.96 6.43
N ASN A 552 8.22 -12.30 6.45
CA ASN A 552 8.52 -11.42 7.58
C ASN A 552 7.50 -10.29 7.63
N ARG A 553 7.53 -9.41 6.65
CA ARG A 553 6.41 -8.55 6.27
C ARG A 553 5.56 -8.14 7.48
N ALA A 554 6.19 -7.41 8.39
CA ALA A 554 5.49 -6.89 9.56
C ALA A 554 4.12 -6.36 9.16
N ARG A 555 3.12 -6.63 10.00
CA ARG A 555 1.74 -6.28 9.72
C ARG A 555 1.20 -5.37 10.81
N THR A 556 0.42 -4.37 10.41
CA THR A 556 -0.15 -3.39 11.32
C THR A 556 -1.67 -3.33 11.15
N VAL A 557 -2.35 -2.99 12.23
CA VAL A 557 -3.80 -2.84 12.25
C VAL A 557 -4.13 -1.42 12.69
N ALA A 558 -5.00 -0.76 11.93
CA ALA A 558 -5.37 0.62 12.19
C ALA A 558 -6.70 0.68 12.92
N GLY A 559 -6.76 1.48 13.96
CA GLY A 559 -7.99 1.69 14.70
C GLY A 559 -8.51 3.11 14.61
N VAL A 560 -9.61 3.31 13.91
CA VAL A 560 -10.17 4.64 13.74
C VAL A 560 -11.01 5.02 14.95
N SER A 561 -11.15 6.31 15.19
CA SER A 561 -11.82 6.79 16.38
C SER A 561 -13.30 6.45 16.34
N ILE A 562 -13.90 6.43 17.54
CA ILE A 562 -15.32 6.08 17.66
C ILE A 562 -16.20 7.11 16.98
N CYS A 563 -15.81 8.39 17.02
CA CYS A 563 -16.62 9.43 16.41
C CYS A 563 -16.78 9.21 14.90
N SER A 564 -15.90 8.42 14.28
CA SER A 564 -15.99 8.13 12.86
C SER A 564 -16.85 6.91 12.59
N THR A 565 -16.58 5.79 13.27
CA THR A 565 -17.34 4.56 13.03
C THR A 565 -18.80 4.72 13.44
N MET A 566 -19.05 5.39 14.57
CA MET A 566 -20.42 5.53 15.05
C MET A 566 -21.30 6.23 14.02
N THR A 567 -20.75 7.22 13.31
CA THR A 567 -21.51 7.94 12.31
C THR A 567 -21.48 7.28 10.95
N ASN A 568 -20.42 6.56 10.61
CA ASN A 568 -20.39 5.85 9.34
C ASN A 568 -21.35 4.67 9.33
N ARG A 569 -21.60 4.07 10.50
CA ARG A 569 -22.55 2.96 10.56
C ARG A 569 -23.94 3.39 10.13
N GLN A 570 -24.45 4.48 10.70
CA GLN A 570 -25.79 4.94 10.35
C GLN A 570 -25.90 5.34 8.89
N PHE A 571 -24.77 5.54 8.21
CA PHE A 571 -24.79 5.93 6.81
C PHE A 571 -24.70 4.72 5.88
N HIS A 572 -23.92 3.71 6.25
CA HIS A 572 -23.60 2.62 5.33
C HIS A 572 -24.13 1.26 5.72
N GLN A 573 -24.72 1.10 6.91
CA GLN A 573 -25.02 -0.25 7.40
C GLN A 573 -26.07 -0.94 6.55
N LYS A 574 -27.12 -0.23 6.13
CA LYS A 574 -28.17 -0.90 5.36
C LYS A 574 -27.61 -1.47 4.07
N LEU A 575 -26.82 -0.68 3.34
CA LEU A 575 -26.23 -1.17 2.09
C LEU A 575 -25.24 -2.29 2.36
N LEU A 576 -24.40 -2.17 3.38
CA LEU A 576 -23.39 -3.19 3.62
C LEU A 576 -24.02 -4.50 4.05
N LYS A 577 -25.18 -4.45 4.74
CA LYS A 577 -25.85 -5.66 5.16
C LYS A 577 -26.71 -6.24 4.04
N SER A 578 -27.17 -5.41 3.10
CA SER A 578 -27.86 -5.94 1.93
C SER A 578 -26.91 -6.58 0.95
N ILE A 579 -25.67 -6.09 0.86
CA ILE A 579 -24.69 -6.69 -0.03
C ILE A 579 -24.32 -8.09 0.44
N ALA A 580 -24.27 -8.29 1.76
CA ALA A 580 -23.85 -9.57 2.33
C ALA A 580 -24.98 -10.59 2.44
N ALA A 581 -26.20 -10.21 2.09
CA ALA A 581 -27.35 -11.12 2.14
C ALA A 581 -27.81 -11.57 0.78
N THR A 582 -27.08 -11.24 -0.28
CA THR A 582 -27.46 -11.57 -1.65
C THR A 582 -26.58 -12.69 -2.18
N ARG A 583 -27.21 -13.72 -2.75
CA ARG A 583 -26.52 -14.84 -3.35
C ARG A 583 -26.75 -14.85 -4.85
N GLY A 584 -25.72 -15.22 -5.61
CA GLY A 584 -25.79 -15.23 -7.05
C GLY A 584 -25.37 -13.96 -7.73
N ALA A 585 -24.68 -13.06 -7.04
CA ALA A 585 -24.25 -11.78 -7.57
C ALA A 585 -22.75 -11.78 -7.81
N THR A 586 -22.27 -10.73 -8.46
CA THR A 586 -20.84 -10.61 -8.74
C THR A 586 -20.03 -10.52 -7.45
N VAL A 587 -20.50 -9.73 -6.49
CA VAL A 587 -19.81 -9.59 -5.21
C VAL A 587 -20.27 -10.71 -4.29
N VAL A 588 -19.33 -11.50 -3.80
CA VAL A 588 -19.65 -12.70 -3.03
C VAL A 588 -19.27 -12.51 -1.57
N ILE A 589 -19.30 -11.27 -1.09
CA ILE A 589 -19.06 -11.02 0.32
C ILE A 589 -20.26 -11.51 1.12
N GLY A 590 -19.99 -12.27 2.18
CA GLY A 590 -21.03 -12.82 3.01
C GLY A 590 -21.50 -14.21 2.62
N THR A 591 -21.05 -14.73 1.49
CA THR A 591 -21.40 -16.08 1.07
C THR A 591 -20.43 -17.09 1.67
N SER A 592 -20.97 -18.07 2.38
CA SER A 592 -20.15 -19.08 3.05
C SER A 592 -19.75 -20.18 2.09
N LYS A 593 -18.63 -20.82 2.38
CA LYS A 593 -18.15 -21.94 1.59
C LYS A 593 -18.66 -23.28 2.08
N PHE A 594 -19.35 -23.33 3.21
CA PHE A 594 -19.85 -24.58 3.76
C PHE A 594 -21.24 -24.89 3.23
N TYR A 595 -21.65 -26.14 3.38
CA TYR A 595 -22.98 -26.60 2.98
C TYR A 595 -23.23 -26.33 1.50
N GLY A 596 -22.20 -26.50 0.68
CA GLY A 596 -22.34 -26.37 -0.75
C GLY A 596 -22.21 -24.97 -1.31
N GLY A 597 -21.76 -24.01 -0.51
CA GLY A 597 -21.60 -22.65 -0.99
C GLY A 597 -20.54 -22.48 -2.05
N TRP A 598 -19.39 -23.16 -1.92
CA TRP A 598 -18.31 -23.08 -2.88
C TRP A 598 -18.73 -23.59 -4.25
N HIS A 599 -19.42 -24.72 -4.30
CA HIS A 599 -19.92 -25.24 -5.57
C HIS A 599 -20.90 -24.27 -6.21
N ASN A 600 -21.81 -23.71 -5.42
CA ASN A 600 -22.78 -22.75 -5.94
C ASN A 600 -22.08 -21.53 -6.53
N MET A 601 -21.09 -21.00 -5.81
CA MET A 601 -20.37 -19.83 -6.30
C MET A 601 -19.63 -20.16 -7.60
N LEU A 602 -18.96 -21.31 -7.66
CA LEU A 602 -18.24 -21.68 -8.86
C LEU A 602 -19.17 -21.85 -10.05
N LYS A 603 -20.32 -22.47 -9.84
CA LYS A 603 -21.26 -22.65 -10.94
C LYS A 603 -21.99 -21.36 -11.32
N THR A 604 -22.05 -20.39 -10.41
CA THR A 604 -22.61 -19.09 -10.76
C THR A 604 -21.62 -18.26 -11.57
N VAL A 605 -20.34 -18.31 -11.23
CA VAL A 605 -19.34 -17.57 -12.01
C VAL A 605 -19.22 -18.15 -13.42
N TYR A 606 -19.33 -19.47 -13.54
CA TYR A 606 -19.21 -20.10 -14.86
C TYR A 606 -20.30 -19.60 -15.79
N SER A 607 -21.51 -19.40 -15.28
CA SER A 607 -22.64 -18.84 -16.03
C SER A 607 -22.78 -19.63 -17.33
N ASP A 608 -22.87 -18.98 -18.48
CA ASP A 608 -23.04 -19.64 -19.76
C ASP A 608 -22.07 -19.04 -20.77
N VAL A 609 -20.80 -18.96 -20.39
CA VAL A 609 -19.77 -18.43 -21.27
C VAL A 609 -19.40 -19.49 -22.30
N GLU A 610 -18.91 -19.04 -23.45
CA GLU A 610 -18.54 -19.92 -24.55
C GLU A 610 -17.03 -19.94 -24.71
N ASN A 611 -16.48 -21.12 -25.00
CA ASN A 611 -15.04 -21.32 -25.07
C ASN A 611 -14.40 -20.75 -23.80
N PRO A 612 -14.79 -21.21 -22.62
CA PRO A 612 -14.42 -20.52 -21.39
C PRO A 612 -13.05 -20.92 -20.88
N HIS A 613 -12.36 -19.94 -20.29
CA HIS A 613 -11.13 -20.16 -19.54
C HIS A 613 -11.30 -19.52 -18.17
N LEU A 614 -10.32 -19.71 -17.31
CA LEU A 614 -10.33 -19.12 -15.98
C LEU A 614 -9.05 -18.33 -15.77
N MET A 615 -9.19 -17.13 -15.22
CA MET A 615 -8.03 -16.25 -15.02
C MET A 615 -8.17 -15.53 -13.69
N GLY A 616 -7.02 -15.20 -13.10
CA GLY A 616 -6.97 -14.45 -11.86
C GLY A 616 -5.70 -13.63 -11.78
N TRP A 617 -5.79 -12.41 -11.26
CA TRP A 617 -4.65 -11.50 -11.28
C TRP A 617 -4.29 -11.03 -9.88
N ASP A 618 -3.39 -10.07 -9.78
CA ASP A 618 -2.90 -9.58 -8.50
C ASP A 618 -2.88 -8.06 -8.48
N TYR A 619 -2.94 -7.51 -7.28
CA TYR A 619 -2.88 -6.06 -7.06
C TYR A 619 -1.69 -5.73 -6.18
N PRO A 620 -0.54 -5.40 -6.73
CA PRO A 620 0.63 -5.10 -5.90
C PRO A 620 0.40 -3.85 -5.06
N LYS A 621 0.65 -3.96 -3.76
CA LYS A 621 0.53 -2.84 -2.84
C LYS A 621 -0.83 -2.14 -2.99
N CYS A 622 -1.89 -2.95 -2.88
CA CYS A 622 -3.23 -2.44 -3.14
C CYS A 622 -3.62 -1.32 -2.19
N ASP A 623 -3.31 -1.48 -0.90
CA ASP A 623 -3.75 -0.53 0.11
C ASP A 623 -2.90 0.73 0.16
N ARG A 624 -1.72 0.74 -0.46
CA ARG A 624 -0.84 1.89 -0.45
C ARG A 624 -0.81 2.65 -1.77
N ALA A 625 -0.88 1.94 -2.90
CA ALA A 625 -0.74 2.56 -4.20
C ALA A 625 -2.05 3.03 -4.81
N MET A 626 -3.19 2.71 -4.21
CA MET A 626 -4.46 3.05 -4.82
C MET A 626 -4.60 4.56 -4.94
N PRO A 627 -4.88 5.09 -6.12
CA PRO A 627 -5.03 6.54 -6.26
C PRO A 627 -6.25 7.06 -5.51
N ASN A 628 -6.18 8.33 -5.12
CA ASN A 628 -7.26 8.95 -4.37
C ASN A 628 -8.52 9.10 -5.22
N MET A 629 -8.37 9.29 -6.53
CA MET A 629 -9.53 9.45 -7.39
C MET A 629 -10.40 8.20 -7.39
N LEU A 630 -9.78 7.02 -7.41
CA LEU A 630 -10.55 5.78 -7.41
C LEU A 630 -11.26 5.57 -6.08
N ARG A 631 -10.61 5.93 -4.96
CA ARG A 631 -11.28 5.85 -3.67
C ARG A 631 -12.47 6.81 -3.60
N ILE A 632 -12.30 8.02 -4.11
CA ILE A 632 -13.42 8.96 -4.16
C ILE A 632 -14.54 8.40 -5.01
N MET A 633 -14.21 7.78 -6.15
CA MET A 633 -15.23 7.21 -7.02
C MET A 633 -15.98 6.10 -6.30
N ALA A 634 -15.26 5.23 -5.59
CA ALA A 634 -15.93 4.16 -4.85
C ALA A 634 -16.85 4.71 -3.78
N SER A 635 -16.39 5.73 -3.04
CA SER A 635 -17.22 6.33 -2.01
C SER A 635 -18.48 6.94 -2.63
N LEU A 636 -18.35 7.60 -3.78
CA LEU A 636 -19.50 8.18 -4.43
C LEU A 636 -20.47 7.11 -4.93
N VAL A 637 -19.94 5.99 -5.42
CA VAL A 637 -20.80 4.92 -5.92
C VAL A 637 -21.57 4.27 -4.78
N LEU A 638 -20.94 4.11 -3.61
CA LEU A 638 -21.66 3.55 -2.48
C LEU A 638 -22.70 4.50 -1.91
N ALA A 639 -22.65 5.78 -2.25
CA ALA A 639 -23.56 6.78 -1.70
C ALA A 639 -24.69 7.13 -2.65
N ARG A 640 -24.83 6.42 -3.78
CA ARG A 640 -25.95 6.65 -4.68
C ARG A 640 -27.24 6.03 -4.17
N LYS A 641 -27.19 5.25 -3.09
CA LYS A 641 -28.40 4.72 -2.48
C LYS A 641 -29.17 5.78 -1.72
N HIS A 642 -28.53 6.89 -1.37
CA HIS A 642 -29.16 7.97 -0.61
C HIS A 642 -29.76 9.03 -1.51
N THR A 643 -30.58 8.60 -2.48
CA THR A 643 -31.18 9.53 -3.41
C THR A 643 -32.47 10.16 -2.88
N THR A 644 -33.07 9.60 -1.84
CA THR A 644 -34.30 10.13 -1.28
C THR A 644 -34.22 10.49 0.19
N CYS A 645 -33.13 10.15 0.88
CA CYS A 645 -32.98 10.46 2.29
C CYS A 645 -31.98 11.58 2.55
N CYS A 646 -31.17 11.95 1.57
CA CYS A 646 -30.19 13.02 1.71
C CYS A 646 -30.29 13.96 0.52
N SER A 647 -29.88 15.21 0.73
CA SER A 647 -29.80 16.18 -0.34
C SER A 647 -28.37 16.25 -0.88
N LEU A 648 -28.15 17.16 -1.82
CA LEU A 648 -26.82 17.31 -2.39
C LEU A 648 -25.81 17.75 -1.33
N SER A 649 -26.17 18.74 -0.51
CA SER A 649 -25.25 19.24 0.50
C SER A 649 -24.93 18.18 1.53
N HIS A 650 -25.95 17.43 1.99
CA HIS A 650 -25.70 16.38 2.97
C HIS A 650 -24.76 15.32 2.42
N ARG A 651 -24.99 14.89 1.18
CA ARG A 651 -24.13 13.88 0.58
C ARG A 651 -22.71 14.40 0.39
N PHE A 652 -22.55 15.66 -0.04
CA PHE A 652 -21.21 16.19 -0.19
C PHE A 652 -20.49 16.27 1.14
N TYR A 653 -21.18 16.69 2.20
CA TYR A 653 -20.51 16.81 3.49
C TYR A 653 -20.18 15.44 4.06
N ARG A 654 -21.02 14.44 3.82
CA ARG A 654 -20.66 13.08 4.22
C ARG A 654 -19.43 12.58 3.46
N LEU A 655 -19.35 12.89 2.16
CA LEU A 655 -18.17 12.52 1.39
C LEU A 655 -16.93 13.22 1.92
N ALA A 656 -17.04 14.50 2.26
CA ALA A 656 -15.92 15.24 2.81
C ALA A 656 -15.47 14.64 4.14
N ASN A 657 -16.42 14.25 4.98
CA ASN A 657 -16.07 13.61 6.24
C ASN A 657 -15.36 12.28 6.00
N GLU A 658 -15.84 11.49 5.04
CA GLU A 658 -15.16 10.25 4.72
C GLU A 658 -13.72 10.51 4.26
N CYS A 659 -13.53 11.50 3.39
CA CYS A 659 -12.19 11.81 2.90
C CYS A 659 -11.29 12.27 4.04
N ALA A 660 -11.80 13.11 4.94
CA ALA A 660 -11.00 13.63 6.04
C ALA A 660 -10.78 12.62 7.16
N GLN A 661 -11.54 11.51 7.18
CA GLN A 661 -11.42 10.55 8.26
C GLN A 661 -10.73 9.25 7.86
N VAL A 662 -10.89 8.78 6.64
CA VAL A 662 -10.34 7.47 6.27
C VAL A 662 -9.49 7.54 5.01
N LEU A 663 -9.20 8.73 4.54
CA LEU A 663 -8.40 8.86 3.33
C LEU A 663 -7.17 9.74 3.51
N SER A 664 -7.27 10.82 4.28
CA SER A 664 -6.14 11.71 4.55
C SER A 664 -6.03 12.02 6.03
N GLU A 665 -6.52 11.11 6.88
CA GLU A 665 -6.52 11.34 8.31
C GLU A 665 -5.09 11.51 8.82
N MET A 666 -4.99 11.98 10.06
CA MET A 666 -3.71 12.05 10.77
C MET A 666 -3.51 10.76 11.54
N VAL A 667 -2.40 10.07 11.28
CA VAL A 667 -2.13 8.75 11.81
C VAL A 667 -1.14 8.87 12.96
N MET A 668 -1.43 8.18 14.05
CA MET A 668 -0.54 8.12 15.21
C MET A 668 0.31 6.86 15.15
N CYS A 669 1.63 7.02 15.22
CA CYS A 669 2.56 5.90 15.15
C CYS A 669 3.69 6.16 16.14
N GLY A 670 3.71 5.40 17.23
CA GLY A 670 4.73 5.58 18.25
C GLY A 670 4.63 6.90 18.99
N GLY A 671 3.43 7.32 19.33
CA GLY A 671 3.23 8.58 20.04
C GLY A 671 3.59 9.81 19.25
N SER A 672 3.32 9.81 17.95
CA SER A 672 3.62 10.96 17.10
C SER A 672 2.58 11.02 15.99
N LEU A 673 2.35 12.23 15.48
CA LEU A 673 1.32 12.47 14.49
C LEU A 673 1.95 12.68 13.12
N TYR A 674 1.46 11.96 12.13
CA TYR A 674 1.89 12.08 10.75
C TYR A 674 0.69 12.38 9.86
N VAL A 675 0.94 12.49 8.56
CA VAL A 675 -0.10 12.80 7.59
C VAL A 675 -0.16 11.66 6.58
N LYS A 676 -1.34 11.07 6.43
CA LYS A 676 -1.54 9.95 5.51
C LYS A 676 -1.80 10.48 4.12
N PRO A 677 -1.02 10.09 3.11
CA PRO A 677 -1.26 10.61 1.75
C PRO A 677 -2.47 10.01 1.08
N GLY A 678 -2.79 8.74 1.36
CA GLY A 678 -3.92 8.11 0.71
C GLY A 678 -3.94 6.62 1.03
N GLY A 679 -4.69 5.88 0.22
CA GLY A 679 -4.84 4.46 0.43
C GLY A 679 -5.99 4.15 1.36
N THR A 680 -6.15 2.85 1.64
CA THR A 680 -7.23 2.35 2.46
C THR A 680 -6.69 1.98 3.84
N SER A 681 -7.58 2.05 4.84
CA SER A 681 -7.25 1.70 6.21
C SER A 681 -8.09 0.50 6.63
N SER A 682 -7.43 -0.48 7.26
CA SER A 682 -8.11 -1.69 7.69
C SER A 682 -9.08 -1.45 8.83
N GLY A 683 -9.04 -0.30 9.48
CA GLY A 683 -9.92 -0.02 10.60
C GLY A 683 -11.31 0.43 10.23
N ASP A 684 -11.61 0.57 8.95
CA ASP A 684 -12.92 1.03 8.49
C ASP A 684 -13.78 -0.15 8.11
N ALA A 685 -15.09 -0.03 8.38
CA ALA A 685 -16.03 -1.10 8.09
C ALA A 685 -16.36 -1.23 6.61
N THR A 686 -16.12 -0.18 5.82
CA THR A 686 -16.46 -0.18 4.40
C THR A 686 -15.26 -0.42 3.51
N THR A 687 -14.15 -0.91 4.08
CA THR A 687 -12.96 -1.16 3.27
C THR A 687 -13.17 -2.31 2.30
N ALA A 688 -13.69 -3.43 2.79
CA ALA A 688 -13.89 -4.59 1.92
C ALA A 688 -14.94 -4.35 0.86
N TYR A 689 -15.80 -3.36 1.04
CA TYR A 689 -16.84 -3.07 0.06
C TYR A 689 -16.41 -2.02 -0.95
N ALA A 690 -15.52 -1.11 -0.57
CA ALA A 690 -14.92 -0.18 -1.53
C ALA A 690 -13.84 -0.87 -2.36
N ASN A 691 -13.15 -1.85 -1.79
CA ASN A 691 -12.17 -2.61 -2.54
C ASN A 691 -12.82 -3.32 -3.71
N SER A 692 -14.02 -3.86 -3.50
CA SER A 692 -14.73 -4.54 -4.58
C SER A 692 -15.12 -3.58 -5.69
N VAL A 693 -15.57 -2.37 -5.33
CA VAL A 693 -15.90 -1.37 -6.35
C VAL A 693 -14.66 -1.00 -7.14
N PHE A 694 -13.52 -0.80 -6.46
CA PHE A 694 -12.29 -0.46 -7.15
C PHE A 694 -11.86 -1.60 -8.08
N ASN A 695 -11.99 -2.84 -7.63
CA ASN A 695 -11.65 -4.00 -8.45
C ASN A 695 -12.51 -4.06 -9.71
N ILE A 696 -13.82 -3.87 -9.56
CA ILE A 696 -14.70 -3.92 -10.72
C ILE A 696 -14.42 -2.75 -11.67
N CYS A 697 -14.11 -1.58 -11.13
CA CYS A 697 -13.76 -0.45 -11.98
C CYS A 697 -12.51 -0.74 -12.80
N GLN A 698 -11.48 -1.31 -12.17
CA GLN A 698 -10.27 -1.66 -12.91
C GLN A 698 -10.56 -2.73 -13.96
N ALA A 699 -11.37 -3.73 -13.63
CA ALA A 699 -11.69 -4.77 -14.59
C ALA A 699 -12.47 -4.23 -15.79
N VAL A 700 -13.35 -3.24 -15.56
CA VAL A 700 -14.09 -2.66 -16.68
C VAL A 700 -13.19 -1.75 -17.51
N THR A 701 -12.28 -1.00 -16.86
CA THR A 701 -11.33 -0.20 -17.62
C THR A 701 -10.47 -1.07 -18.52
N ALA A 702 -10.07 -2.25 -18.02
CA ALA A 702 -9.27 -3.16 -18.83
C ALA A 702 -10.03 -3.58 -20.09
N ASN A 703 -11.32 -3.89 -19.96
CA ASN A 703 -12.10 -4.29 -21.13
C ASN A 703 -12.28 -3.14 -22.10
N VAL A 704 -12.53 -1.94 -21.59
CA VAL A 704 -12.66 -0.78 -22.48
C VAL A 704 -11.37 -0.57 -23.26
N ASN A 705 -10.23 -0.66 -22.58
CA ASN A 705 -8.95 -0.48 -23.26
C ASN A 705 -8.67 -1.60 -24.27
N ALA A 706 -9.05 -2.83 -23.94
CA ALA A 706 -8.86 -3.93 -24.88
C ALA A 706 -9.72 -3.77 -26.13
N LEU A 707 -10.95 -3.28 -25.98
CA LEU A 707 -11.84 -3.14 -27.12
C LEU A 707 -11.57 -1.90 -27.94
N LEU A 708 -11.08 -0.82 -27.33
CA LEU A 708 -10.85 0.43 -28.06
C LEU A 708 -9.49 0.49 -28.73
N SER A 709 -8.58 -0.44 -28.42
CA SER A 709 -7.25 -0.45 -28.99
C SER A 709 -7.07 -1.56 -30.01
N THR A 710 -8.16 -1.98 -30.65
CA THR A 710 -8.16 -3.04 -31.63
C THR A 710 -8.47 -2.48 -33.00
N ASP A 711 -7.73 -2.93 -34.01
CA ASP A 711 -7.98 -2.48 -35.37
C ASP A 711 -9.40 -2.82 -35.79
N GLY A 712 -10.20 -1.79 -36.08
CA GLY A 712 -11.60 -2.00 -36.40
C GLY A 712 -11.86 -2.61 -37.75
N ASN A 713 -10.88 -2.62 -38.64
CA ASN A 713 -11.04 -3.22 -39.95
C ASN A 713 -10.83 -4.73 -39.95
N LYS A 714 -10.35 -5.29 -38.84
CA LYS A 714 -10.10 -6.72 -38.73
C LYS A 714 -11.08 -7.40 -37.78
N ILE A 715 -12.18 -6.75 -37.45
CA ILE A 715 -13.22 -7.33 -36.60
C ILE A 715 -14.28 -7.93 -37.52
N ALA A 716 -14.31 -9.26 -37.60
CA ALA A 716 -15.23 -9.93 -38.53
C ALA A 716 -16.67 -9.71 -38.13
N ASP A 717 -17.00 -9.89 -36.85
CA ASP A 717 -18.38 -9.75 -36.40
C ASP A 717 -18.84 -8.30 -36.54
N LYS A 718 -20.01 -8.11 -37.15
CA LYS A 718 -20.53 -6.78 -37.38
C LYS A 718 -21.20 -6.18 -36.16
N TYR A 719 -21.49 -6.98 -35.13
CA TYR A 719 -22.06 -6.44 -33.91
C TYR A 719 -20.98 -5.86 -33.00
N VAL A 720 -19.85 -6.56 -32.87
CA VAL A 720 -18.76 -6.08 -32.03
C VAL A 720 -18.15 -4.81 -32.62
N ARG A 721 -18.09 -4.72 -33.94
CA ARG A 721 -17.54 -3.52 -34.57
C ARG A 721 -18.39 -2.29 -34.24
N ASN A 722 -19.72 -2.43 -34.35
CA ASN A 722 -20.60 -1.32 -33.99
C ASN A 722 -20.55 -1.05 -32.49
N LEU A 723 -20.37 -2.08 -31.67
CA LEU A 723 -20.22 -1.86 -30.24
C LEU A 723 -18.99 -1.02 -29.95
N GLN A 724 -17.87 -1.32 -30.62
CA GLN A 724 -16.66 -0.52 -30.45
C GLN A 724 -16.87 0.92 -30.92
N HIS A 725 -17.50 1.07 -32.08
CA HIS A 725 -17.77 2.42 -32.60
C HIS A 725 -18.59 3.24 -31.62
N ARG A 726 -19.70 2.70 -31.15
CA ARG A 726 -20.56 3.41 -30.22
C ARG A 726 -19.93 3.58 -28.84
N LEU A 727 -19.03 2.68 -28.43
CA LEU A 727 -18.31 2.88 -27.19
C LEU A 727 -17.38 4.09 -27.29
N TYR A 728 -16.64 4.19 -28.40
CA TYR A 728 -15.79 5.37 -28.59
C TYR A 728 -16.64 6.63 -28.63
N GLU A 729 -17.79 6.58 -29.29
CA GLU A 729 -18.67 7.74 -29.34
C GLU A 729 -19.15 8.13 -27.95
N CYS A 730 -19.65 7.16 -27.19
CA CYS A 730 -20.16 7.44 -25.85
C CYS A 730 -19.08 7.96 -24.93
N LEU A 731 -17.83 7.56 -25.15
CA LEU A 731 -16.74 8.06 -24.33
C LEU A 731 -16.36 9.49 -24.70
N TYR A 732 -15.95 9.71 -25.96
CA TYR A 732 -15.26 10.94 -26.31
C TYR A 732 -16.07 11.90 -27.18
N ARG A 733 -17.32 11.60 -27.49
CA ARG A 733 -18.10 12.44 -28.40
C ARG A 733 -19.51 12.71 -27.90
N ASN A 734 -19.86 12.30 -26.68
CA ASN A 734 -21.21 12.46 -26.16
C ASN A 734 -21.10 12.80 -24.67
N ARG A 735 -21.50 14.02 -24.32
CA ARG A 735 -21.38 14.51 -22.94
C ARG A 735 -22.72 14.36 -22.20
N ASP A 736 -23.09 13.10 -21.99
CA ASP A 736 -24.26 12.77 -21.18
C ASP A 736 -24.35 11.24 -21.11
N VAL A 737 -25.13 10.75 -20.17
CA VAL A 737 -25.25 9.31 -19.95
C VAL A 737 -26.21 8.71 -20.96
N ASP A 738 -25.77 7.65 -21.62
CA ASP A 738 -26.61 6.89 -22.56
C ASP A 738 -26.95 5.57 -21.89
N THR A 739 -28.14 5.49 -21.30
CA THR A 739 -28.55 4.27 -20.62
C THR A 739 -28.71 3.11 -21.61
N ASP A 740 -29.24 3.40 -22.80
CA ASP A 740 -29.48 2.36 -23.79
C ASP A 740 -28.19 1.72 -24.29
N PHE A 741 -27.04 2.35 -24.08
CA PHE A 741 -25.76 1.72 -24.38
C PHE A 741 -25.03 1.22 -23.15
N VAL A 742 -25.22 1.85 -21.98
CA VAL A 742 -24.65 1.31 -20.76
C VAL A 742 -25.23 -0.08 -20.50
N ASN A 743 -26.54 -0.24 -20.71
CA ASN A 743 -27.16 -1.55 -20.55
C ASN A 743 -26.56 -2.56 -21.53
N GLU A 744 -26.35 -2.16 -22.79
CA GLU A 744 -25.82 -3.08 -23.79
C GLU A 744 -24.39 -3.49 -23.46
N PHE A 745 -23.55 -2.54 -23.04
CA PHE A 745 -22.18 -2.89 -22.66
C PHE A 745 -22.16 -3.78 -21.43
N TYR A 746 -23.05 -3.51 -20.45
CA TYR A 746 -23.11 -4.36 -19.27
C TYR A 746 -23.50 -5.79 -19.65
N ALA A 747 -24.49 -5.94 -20.54
CA ALA A 747 -24.86 -7.28 -20.99
C ALA A 747 -23.73 -7.96 -21.75
N TYR A 748 -23.03 -7.22 -22.61
CA TYR A 748 -21.92 -7.79 -23.36
C TYR A 748 -20.81 -8.25 -22.43
N LEU A 749 -20.51 -7.48 -21.38
CA LEU A 749 -19.50 -7.89 -20.41
C LEU A 749 -19.97 -9.09 -19.59
N ARG A 750 -21.24 -9.14 -19.22
CA ARG A 750 -21.74 -10.26 -18.42
C ARG A 750 -21.78 -11.56 -19.21
N LYS A 751 -22.05 -11.49 -20.51
CA LYS A 751 -22.09 -12.71 -21.32
C LYS A 751 -20.71 -13.27 -21.63
N HIS A 752 -19.70 -12.42 -21.77
CA HIS A 752 -18.37 -12.85 -22.17
C HIS A 752 -17.30 -12.63 -21.12
N PHE A 753 -17.63 -11.99 -19.99
CA PHE A 753 -16.65 -11.68 -18.95
C PHE A 753 -17.37 -11.77 -17.60
N SER A 754 -17.31 -12.96 -17.00
CA SER A 754 -17.96 -13.21 -15.72
C SER A 754 -16.93 -13.10 -14.60
N MET A 755 -17.27 -12.39 -13.54
CA MET A 755 -16.36 -12.13 -12.45
C MET A 755 -16.93 -12.60 -11.13
N MET A 756 -16.03 -12.94 -10.21
CA MET A 756 -16.37 -13.25 -8.82
C MET A 756 -15.44 -12.41 -7.95
N ILE A 757 -16.01 -11.41 -7.28
CA ILE A 757 -15.23 -10.37 -6.62
C ILE A 757 -15.43 -10.46 -5.11
N LEU A 758 -14.34 -10.43 -4.36
CA LEU A 758 -14.37 -10.34 -2.91
C LEU A 758 -13.23 -9.42 -2.49
N SER A 759 -13.54 -8.14 -2.30
CA SER A 759 -12.55 -7.09 -2.03
C SER A 759 -11.51 -7.15 -3.15
N ASP A 760 -10.22 -7.21 -2.85
CA ASP A 760 -9.19 -7.22 -3.89
C ASP A 760 -8.83 -8.66 -4.30
N ASP A 761 -9.85 -9.45 -4.57
CA ASP A 761 -9.69 -10.82 -5.05
C ASP A 761 -10.78 -11.10 -6.07
N ALA A 762 -10.41 -11.64 -7.22
CA ALA A 762 -11.37 -11.88 -8.27
C ALA A 762 -11.00 -13.12 -9.05
N VAL A 763 -12.02 -13.76 -9.62
CA VAL A 763 -11.87 -14.86 -10.56
C VAL A 763 -12.77 -14.59 -11.75
N VAL A 764 -12.25 -14.76 -12.95
CA VAL A 764 -12.97 -14.43 -14.18
C VAL A 764 -13.04 -15.67 -15.07
N CYS A 765 -14.23 -15.96 -15.57
CA CYS A 765 -14.44 -16.93 -16.63
C CYS A 765 -14.81 -16.16 -17.88
N PHE A 766 -13.93 -16.20 -18.88
CA PHE A 766 -14.09 -15.38 -20.07
C PHE A 766 -14.14 -16.24 -21.32
N ASN A 767 -14.47 -15.60 -22.45
CA ASN A 767 -14.57 -16.26 -23.74
C ASN A 767 -13.19 -16.25 -24.39
N SER A 768 -12.60 -17.44 -24.54
CA SER A 768 -11.21 -17.53 -24.96
C SER A 768 -11.00 -16.92 -26.35
N THR A 769 -11.91 -17.21 -27.28
CA THR A 769 -11.74 -16.71 -28.64
C THR A 769 -11.78 -15.19 -28.68
N TYR A 770 -12.72 -14.58 -27.95
CA TYR A 770 -12.79 -13.13 -27.91
C TYR A 770 -11.52 -12.54 -27.31
N ALA A 771 -11.04 -13.14 -26.22
CA ALA A 771 -9.83 -12.63 -25.58
C ALA A 771 -8.62 -12.73 -26.51
N SER A 772 -8.56 -13.80 -27.31
CA SER A 772 -7.47 -13.94 -28.28
C SER A 772 -7.63 -13.00 -29.47
N GLN A 773 -8.85 -12.58 -29.78
CA GLN A 773 -9.09 -11.62 -30.85
C GLN A 773 -8.98 -10.18 -30.38
N GLY A 774 -8.80 -9.95 -29.08
CA GLY A 774 -8.71 -8.59 -28.57
C GLY A 774 -10.04 -7.93 -28.29
N LEU A 775 -11.12 -8.70 -28.19
CA LEU A 775 -12.44 -8.14 -27.92
C LEU A 775 -12.78 -8.09 -26.43
N VAL A 776 -12.06 -8.83 -25.60
CA VAL A 776 -12.20 -8.76 -24.15
C VAL A 776 -10.81 -8.62 -23.53
N ALA A 777 -10.78 -8.37 -22.23
CA ALA A 777 -9.53 -8.12 -21.55
C ALA A 777 -8.72 -9.40 -21.37
N SER A 778 -7.40 -9.25 -21.32
CA SER A 778 -6.49 -10.33 -20.97
C SER A 778 -5.54 -9.85 -19.88
N ILE A 779 -4.51 -10.64 -19.57
CA ILE A 779 -3.59 -10.25 -18.51
C ILE A 779 -2.76 -9.04 -18.91
N LYS A 780 -2.39 -8.94 -20.18
CA LYS A 780 -1.60 -7.80 -20.64
C LYS A 780 -2.36 -6.50 -20.50
N ASN A 781 -3.66 -6.52 -20.78
CA ASN A 781 -4.46 -5.31 -20.60
C ASN A 781 -4.50 -4.89 -19.14
N PHE A 782 -4.63 -5.85 -18.22
CA PHE A 782 -4.58 -5.52 -16.80
C PHE A 782 -3.21 -4.95 -16.42
N LYS A 783 -2.14 -5.51 -16.98
CA LYS A 783 -0.80 -5.01 -16.67
C LYS A 783 -0.67 -3.55 -17.09
N SER A 784 -1.08 -3.23 -18.32
CA SER A 784 -0.97 -1.85 -18.79
C SER A 784 -1.87 -0.91 -18.00
N VAL A 785 -3.10 -1.36 -17.69
CA VAL A 785 -4.02 -0.50 -16.94
C VAL A 785 -3.46 -0.20 -15.56
N LEU A 786 -2.94 -1.20 -14.88
CA LEU A 786 -2.34 -0.96 -13.57
C LEU A 786 -1.12 -0.07 -13.67
N TYR A 787 -0.30 -0.26 -14.71
CA TYR A 787 0.88 0.57 -14.88
C TYR A 787 0.50 2.05 -15.02
N TYR A 788 -0.50 2.35 -15.84
CA TYR A 788 -0.79 3.74 -16.13
C TYR A 788 -1.87 4.36 -15.24
N GLN A 789 -2.52 3.57 -14.37
CA GLN A 789 -3.54 4.10 -13.49
C GLN A 789 -3.35 3.76 -12.02
N ASN A 790 -2.31 3.02 -11.67
CA ASN A 790 -2.07 2.63 -10.29
C ASN A 790 -0.62 2.77 -9.86
N ASN A 791 0.28 3.15 -10.76
CA ASN A 791 1.68 3.36 -10.44
C ASN A 791 2.31 2.11 -9.84
N VAL A 792 1.95 0.95 -10.38
CA VAL A 792 2.54 -0.33 -9.98
C VAL A 792 2.73 -1.18 -11.23
N PHE A 793 3.71 -2.07 -11.18
CA PHE A 793 3.94 -3.04 -12.23
C PHE A 793 3.44 -4.40 -11.77
N MET A 794 2.54 -5.01 -12.54
CA MET A 794 1.95 -6.30 -12.19
C MET A 794 2.68 -7.38 -12.96
N SER A 795 3.52 -8.14 -12.26
CA SER A 795 4.25 -9.23 -12.89
C SER A 795 3.28 -10.33 -13.32
N GLU A 796 3.50 -10.86 -14.53
CA GLU A 796 2.65 -11.93 -15.04
C GLU A 796 2.88 -13.25 -14.31
N ALA A 797 3.90 -13.35 -13.47
CA ALA A 797 4.15 -14.55 -12.69
C ALA A 797 3.20 -14.69 -11.51
N LYS A 798 2.51 -13.63 -11.11
CA LYS A 798 1.55 -13.67 -10.03
C LYS A 798 0.12 -13.90 -10.51
N CYS A 799 -0.08 -14.09 -11.81
CA CYS A 799 -1.40 -14.33 -12.38
C CYS A 799 -1.45 -15.74 -12.97
N TRP A 800 -2.59 -16.39 -12.81
CA TRP A 800 -2.77 -17.77 -13.26
C TRP A 800 -3.84 -17.85 -14.34
N THR A 801 -3.85 -18.97 -15.04
CA THR A 801 -4.84 -19.25 -16.08
C THR A 801 -5.12 -20.74 -16.09
N GLU A 802 -6.37 -21.10 -16.37
CA GLU A 802 -6.81 -22.49 -16.31
C GLU A 802 -7.73 -22.78 -17.49
N THR A 803 -7.24 -23.56 -18.45
CA THR A 803 -8.04 -23.89 -19.61
C THR A 803 -9.08 -24.98 -19.31
N ASP A 804 -8.81 -25.85 -18.34
CA ASP A 804 -9.72 -26.93 -17.97
C ASP A 804 -10.63 -26.43 -16.85
N LEU A 805 -11.92 -26.23 -17.17
CA LEU A 805 -12.86 -25.71 -16.20
C LEU A 805 -13.26 -26.73 -15.15
N THR A 806 -12.96 -28.01 -15.36
CA THR A 806 -13.29 -29.03 -14.37
C THR A 806 -12.29 -29.10 -13.23
N LYS A 807 -11.17 -28.39 -13.34
CA LYS A 807 -10.17 -28.33 -12.27
C LYS A 807 -10.30 -27.08 -11.41
N GLY A 808 -11.31 -26.25 -11.65
CA GLY A 808 -11.59 -25.11 -10.82
C GLY A 808 -10.48 -24.08 -10.83
N PRO A 809 -10.72 -22.93 -10.21
CA PRO A 809 -9.68 -21.90 -10.14
C PRO A 809 -8.45 -22.40 -9.42
N HIS A 810 -7.29 -21.91 -9.85
CA HIS A 810 -6.04 -22.29 -9.19
C HIS A 810 -6.04 -21.82 -7.74
N GLU A 811 -6.50 -20.60 -7.47
CA GLU A 811 -6.51 -20.09 -6.12
C GLU A 811 -7.53 -18.95 -6.01
N PHE A 812 -8.30 -18.97 -4.93
CA PHE A 812 -9.26 -17.90 -4.66
C PHE A 812 -9.48 -17.88 -3.15
N CYS A 813 -9.03 -16.81 -2.49
CA CYS A 813 -9.14 -16.70 -1.04
C CYS A 813 -8.24 -17.72 -0.34
N SER A 814 -7.07 -17.97 -0.93
CA SER A 814 -6.06 -18.87 -0.37
C SER A 814 -6.55 -20.31 -0.29
N GLN A 815 -7.49 -20.69 -1.15
CA GLN A 815 -8.04 -22.04 -1.16
C GLN A 815 -7.99 -22.60 -2.57
N HIS A 816 -7.75 -23.90 -2.66
CA HIS A 816 -7.74 -24.62 -3.93
C HIS A 816 -9.05 -25.38 -4.10
N THR A 817 -9.33 -25.76 -5.34
CA THR A 817 -10.58 -26.42 -5.70
C THR A 817 -10.29 -27.82 -6.23
N MET A 818 -11.13 -28.77 -5.83
CA MET A 818 -11.07 -30.14 -6.34
C MET A 818 -12.48 -30.60 -6.65
N LEU A 819 -12.67 -31.23 -7.81
CA LEU A 819 -13.95 -31.79 -8.18
C LEU A 819 -14.02 -33.21 -7.64
N VAL A 820 -14.74 -33.40 -6.54
CA VAL A 820 -14.83 -34.69 -5.87
C VAL A 820 -16.23 -35.25 -6.07
N LYS A 821 -16.42 -36.50 -5.67
CA LYS A 821 -17.68 -37.20 -5.80
C LYS A 821 -18.29 -37.36 -4.41
N GLN A 822 -19.43 -36.70 -4.18
CA GLN A 822 -20.17 -36.81 -2.94
C GLN A 822 -21.52 -37.44 -3.24
N GLY A 823 -21.83 -38.54 -2.55
CA GLY A 823 -23.04 -39.27 -2.86
C GLY A 823 -23.01 -39.81 -4.27
N ASP A 824 -23.82 -39.23 -5.15
CA ASP A 824 -23.87 -39.62 -6.55
C ASP A 824 -23.37 -38.55 -7.50
N ASP A 825 -23.55 -37.27 -7.18
CA ASP A 825 -23.14 -36.19 -8.04
C ASP A 825 -21.71 -35.75 -7.73
N TYR A 826 -21.20 -34.83 -8.53
CA TYR A 826 -19.87 -34.28 -8.38
C TYR A 826 -19.96 -32.82 -7.92
N VAL A 827 -19.13 -32.46 -6.95
CA VAL A 827 -19.16 -31.12 -6.38
C VAL A 827 -17.74 -30.60 -6.24
N TYR A 828 -17.63 -29.28 -6.08
CA TYR A 828 -16.35 -28.61 -5.89
C TYR A 828 -16.13 -28.35 -4.41
N LEU A 829 -14.94 -28.71 -3.92
CA LEU A 829 -14.63 -28.54 -2.51
C LEU A 829 -13.34 -27.73 -2.36
N PRO A 830 -13.31 -26.79 -1.42
CA PRO A 830 -12.08 -26.02 -1.17
C PRO A 830 -11.22 -26.68 -0.09
N TYR A 831 -9.92 -26.72 -0.34
CA TYR A 831 -9.00 -27.23 0.66
C TYR A 831 -7.84 -26.28 0.85
N PRO A 832 -7.29 -26.20 2.06
CA PRO A 832 -6.22 -25.23 2.34
C PRO A 832 -4.84 -25.76 2.05
N ASP A 833 -3.83 -24.95 2.34
CA ASP A 833 -2.45 -25.41 2.29
C ASP A 833 -2.15 -26.24 3.54
N PRO A 834 -1.75 -27.51 3.39
CA PRO A 834 -1.53 -28.33 4.59
C PRO A 834 -0.53 -27.72 5.55
N SER A 835 0.48 -27.02 5.02
CA SER A 835 1.45 -26.36 5.89
C SER A 835 0.78 -25.33 6.78
N ARG A 836 -0.25 -24.65 6.28
CA ARG A 836 -0.94 -23.65 7.11
C ARG A 836 -1.61 -24.30 8.31
N ILE A 837 -2.32 -25.41 8.09
CA ILE A 837 -2.99 -26.10 9.19
C ILE A 837 -1.96 -26.66 10.17
N LEU A 838 -0.90 -27.27 9.66
CA LEU A 838 0.12 -27.83 10.53
C LEU A 838 0.80 -26.75 11.36
N GLY A 839 1.10 -25.61 10.75
CA GLY A 839 1.72 -24.52 11.49
C GLY A 839 0.79 -23.92 12.53
N ALA A 840 -0.50 -23.79 12.19
CA ALA A 840 -1.46 -23.32 13.17
C ALA A 840 -1.56 -24.28 14.34
N GLY A 841 -1.40 -25.59 14.09
CA GLY A 841 -1.42 -26.54 15.18
C GLY A 841 -0.15 -26.58 16.00
N CYS A 842 1.00 -26.31 15.38
CA CYS A 842 2.29 -26.44 16.06
C CYS A 842 2.74 -25.18 16.76
N PHE A 843 2.43 -24.00 16.22
CA PHE A 843 2.81 -22.73 16.82
C PHE A 843 1.57 -21.96 17.22
N VAL A 844 1.55 -21.46 18.45
CA VAL A 844 0.42 -20.72 18.98
C VAL A 844 0.93 -19.40 19.55
N ASP A 845 -0.01 -18.49 19.82
CA ASP A 845 0.31 -17.15 20.29
C ASP A 845 -0.10 -16.92 21.74
N ASP A 846 -0.08 -17.97 22.56
CA ASP A 846 -0.44 -17.85 23.96
C ASP A 846 0.03 -19.10 24.68
N ILE A 847 0.63 -18.92 25.86
CA ILE A 847 1.21 -20.05 26.57
C ILE A 847 0.15 -21.05 27.03
N VAL A 848 -1.09 -20.59 27.22
CA VAL A 848 -2.15 -21.50 27.65
C VAL A 848 -2.79 -22.24 26.49
N LYS A 849 -2.51 -21.83 25.25
CA LYS A 849 -2.98 -22.58 24.08
C LYS A 849 -2.06 -23.73 23.71
N THR A 850 -0.92 -23.87 24.39
CA THR A 850 -0.01 -24.98 24.18
C THR A 850 -0.37 -26.19 25.04
N ASP A 851 -1.41 -26.09 25.87
CA ASP A 851 -1.92 -27.19 26.65
C ASP A 851 -3.21 -27.64 25.96
N GLY A 852 -3.11 -28.68 25.14
CA GLY A 852 -4.23 -29.08 24.30
C GLY A 852 -5.45 -29.53 25.07
N THR A 853 -5.29 -29.92 26.33
CA THR A 853 -6.44 -30.39 27.10
C THR A 853 -7.46 -29.28 27.34
N LEU A 854 -6.99 -28.06 27.61
CA LEU A 854 -7.90 -26.95 27.87
C LEU A 854 -8.48 -26.36 26.60
N MET A 855 -7.89 -26.64 25.44
CA MET A 855 -8.33 -26.10 24.16
C MET A 855 -8.49 -27.27 23.19
N ILE A 856 -9.67 -27.90 23.21
CA ILE A 856 -9.98 -28.98 22.29
C ILE A 856 -10.79 -28.52 21.09
N GLU A 857 -11.46 -27.37 21.18
CA GLU A 857 -12.22 -26.85 20.06
C GLU A 857 -11.34 -26.18 19.01
N ARG A 858 -10.12 -25.78 19.37
CA ARG A 858 -9.19 -25.30 18.35
C ARG A 858 -8.93 -26.37 17.31
N PHE A 859 -8.68 -27.59 17.75
CA PHE A 859 -8.40 -28.67 16.81
C PHE A 859 -9.65 -29.14 16.08
N VAL A 860 -10.82 -29.03 16.70
CA VAL A 860 -12.06 -29.31 15.98
C VAL A 860 -12.25 -28.32 14.83
N SER A 861 -12.03 -27.03 15.12
CA SER A 861 -12.16 -26.02 14.08
C SER A 861 -11.09 -26.17 13.02
N LEU A 862 -9.88 -26.59 13.40
CA LEU A 862 -8.82 -26.80 12.42
C LEU A 862 -9.08 -28.02 11.55
N ALA A 863 -9.67 -29.07 12.12
CA ALA A 863 -10.01 -30.26 11.35
C ALA A 863 -11.23 -30.05 10.47
N ILE A 864 -12.12 -29.12 10.82
CA ILE A 864 -13.20 -28.76 9.92
C ILE A 864 -12.65 -28.21 8.62
N ASP A 865 -11.61 -27.37 8.71
CA ASP A 865 -10.98 -26.79 7.53
C ASP A 865 -10.11 -27.78 6.77
N ALA A 866 -9.62 -28.83 7.42
CA ALA A 866 -8.72 -29.78 6.81
C ALA A 866 -9.42 -31.00 6.24
N TYR A 867 -10.75 -31.06 6.32
CA TYR A 867 -11.45 -32.25 5.82
C TYR A 867 -11.28 -32.44 4.32
N PRO A 868 -11.48 -31.44 3.47
CA PRO A 868 -11.44 -31.69 2.02
C PRO A 868 -10.09 -32.21 1.53
N LEU A 869 -9.11 -32.31 2.43
CA LEU A 869 -7.83 -32.90 2.08
C LEU A 869 -7.87 -34.42 2.05
N THR A 870 -8.94 -35.03 2.56
CA THR A 870 -9.02 -36.49 2.57
C THR A 870 -9.31 -37.06 1.18
N LYS A 871 -9.79 -36.24 0.26
CA LYS A 871 -10.07 -36.67 -1.11
C LYS A 871 -8.99 -36.25 -2.08
N HIS A 872 -7.85 -35.76 -1.58
CA HIS A 872 -6.76 -35.39 -2.47
C HIS A 872 -6.07 -36.65 -3.00
N PRO A 873 -5.60 -36.62 -4.25
CA PRO A 873 -4.83 -37.77 -4.76
C PRO A 873 -3.56 -38.05 -3.97
N ASN A 874 -2.94 -37.02 -3.42
CA ASN A 874 -1.70 -37.18 -2.67
C ASN A 874 -2.01 -37.74 -1.29
N GLN A 875 -1.38 -38.87 -0.94
CA GLN A 875 -1.66 -39.49 0.35
C GLN A 875 -1.01 -38.74 1.51
N GLU A 876 0.02 -37.93 1.25
CA GLU A 876 0.62 -37.16 2.33
C GLU A 876 -0.28 -36.00 2.74
N TYR A 877 -1.08 -35.46 1.81
CA TYR A 877 -2.02 -34.41 2.16
C TYR A 877 -3.18 -34.95 2.99
N ALA A 878 -3.64 -36.16 2.67
CA ALA A 878 -4.83 -36.74 3.29
C ALA A 878 -4.58 -37.20 4.72
N ASP A 879 -3.33 -37.27 5.17
CA ASP A 879 -3.04 -37.73 6.52
C ASP A 879 -3.23 -36.65 7.57
N VAL A 880 -3.35 -35.38 7.15
CA VAL A 880 -3.52 -34.30 8.13
C VAL A 880 -4.83 -34.45 8.89
N PHE A 881 -5.92 -34.77 8.17
CA PHE A 881 -7.21 -34.94 8.82
C PHE A 881 -7.17 -36.06 9.84
N HIS A 882 -6.59 -37.20 9.46
CA HIS A 882 -6.52 -38.33 10.38
C HIS A 882 -5.61 -38.01 11.58
N LEU A 883 -4.53 -37.27 11.35
CA LEU A 883 -3.68 -36.87 12.47
C LEU A 883 -4.44 -35.99 13.44
N TYR A 884 -5.23 -35.05 12.93
CA TYR A 884 -6.01 -34.19 13.81
C TYR A 884 -7.05 -34.98 14.58
N LEU A 885 -7.72 -35.93 13.92
CA LEU A 885 -8.68 -36.77 14.61
C LEU A 885 -8.03 -37.57 15.73
N GLN A 886 -6.86 -38.17 15.44
CA GLN A 886 -6.15 -38.94 16.45
C GLN A 886 -5.72 -38.07 17.62
N TYR A 887 -5.24 -36.86 17.32
CA TYR A 887 -4.84 -35.96 18.40
C TYR A 887 -6.02 -35.56 19.26
N ILE A 888 -7.19 -35.31 18.65
CA ILE A 888 -8.38 -34.98 19.44
C ILE A 888 -8.75 -36.15 20.34
N ARG A 889 -8.70 -37.37 19.80
CA ARG A 889 -9.02 -38.54 20.61
C ARG A 889 -8.07 -38.67 21.79
N LYS A 890 -6.77 -38.51 21.54
CA LYS A 890 -5.79 -38.62 22.62
C LYS A 890 -5.96 -37.50 23.64
N LEU A 891 -6.28 -36.29 23.19
CA LEU A 891 -6.51 -35.18 24.11
C LEU A 891 -7.69 -35.48 25.02
N HIS A 892 -8.79 -35.99 24.47
CA HIS A 892 -9.92 -36.35 25.33
C HIS A 892 -9.55 -37.46 26.29
N ASP A 893 -8.82 -38.48 25.81
CA ASP A 893 -8.42 -39.57 26.69
C ASP A 893 -7.59 -39.06 27.86
N GLU A 894 -6.66 -38.15 27.60
CA GLU A 894 -5.82 -37.62 28.66
C GLU A 894 -6.61 -36.71 29.59
N LEU A 895 -7.51 -35.90 29.05
CA LEU A 895 -8.29 -34.99 29.88
C LEU A 895 -9.20 -35.76 30.83
N THR A 896 -9.79 -36.86 30.36
CA THR A 896 -10.65 -37.65 31.23
C THR A 896 -9.89 -38.15 32.45
N GLY A 897 -8.70 -38.71 32.23
CA GLY A 897 -7.89 -39.16 33.37
C GLY A 897 -7.45 -38.02 34.26
N HIS A 898 -7.05 -36.90 33.66
CA HIS A 898 -6.63 -35.75 34.46
C HIS A 898 -7.75 -35.27 35.37
N MET A 899 -8.97 -35.20 34.85
CA MET A 899 -10.10 -34.77 35.66
C MET A 899 -10.50 -35.84 36.67
N LEU A 900 -10.28 -37.12 36.34
CA LEU A 900 -10.58 -38.19 37.28
C LEU A 900 -9.57 -38.29 38.41
N ASP A 901 -8.38 -37.71 38.25
CA ASP A 901 -7.38 -37.69 39.31
C ASP A 901 -7.41 -36.38 40.10
N MET A 902 -7.44 -35.24 39.42
CA MET A 902 -7.53 -33.96 40.14
C MET A 902 -8.77 -33.92 41.02
N TYR A 903 -9.82 -34.63 40.63
CA TYR A 903 -11.01 -34.78 41.46
C TYR A 903 -11.35 -36.26 41.56
N SER A 904 -12.52 -36.59 42.12
CA SER A 904 -12.96 -37.96 42.27
C SER A 904 -14.28 -38.19 41.55
N VAL A 905 -14.48 -37.47 40.44
CA VAL A 905 -15.72 -37.58 39.67
C VAL A 905 -15.38 -37.71 38.19
N MET A 906 -16.31 -38.32 37.46
CA MET A 906 -16.18 -38.49 36.02
C MET A 906 -17.53 -38.23 35.37
N LEU A 907 -17.50 -37.68 34.16
CA LEU A 907 -18.73 -37.34 33.46
C LEU A 907 -19.46 -38.60 33.03
N THR A 908 -20.69 -38.77 33.49
CA THR A 908 -21.47 -39.96 33.14
C THR A 908 -21.69 -40.05 31.65
N ASN A 909 -22.08 -38.94 31.02
CA ASN A 909 -22.27 -38.87 29.58
C ASN A 909 -21.52 -37.65 29.05
N ASP A 910 -20.82 -37.84 27.94
CA ASP A 910 -20.03 -36.77 27.35
C ASP A 910 -20.51 -36.34 25.98
N ASN A 911 -20.96 -37.28 25.14
CA ASN A 911 -21.38 -36.95 23.78
C ASN A 911 -20.25 -36.26 23.02
N THR A 912 -19.02 -36.72 23.23
CA THR A 912 -17.83 -36.12 22.65
C THR A 912 -17.16 -37.04 21.64
N SER A 913 -17.74 -38.19 21.35
CA SER A 913 -17.16 -39.12 20.38
C SER A 913 -17.40 -38.70 18.94
N ARG A 914 -18.25 -37.70 18.71
CA ARG A 914 -18.54 -37.24 17.37
C ARG A 914 -17.35 -36.53 16.71
N TYR A 915 -16.33 -36.18 17.48
CA TYR A 915 -15.26 -35.32 16.98
C TYR A 915 -14.07 -36.10 16.46
N TRP A 916 -13.93 -37.39 16.78
CA TRP A 916 -12.88 -38.21 16.19
C TRP A 916 -13.46 -39.25 15.23
N GLU A 917 -14.56 -38.91 14.56
CA GLU A 917 -15.14 -39.70 13.49
C GLU A 917 -15.40 -38.82 12.28
N PRO A 918 -15.25 -39.35 11.06
CA PRO A 918 -15.30 -38.53 9.85
C PRO A 918 -16.71 -38.32 9.29
N GLU A 919 -17.65 -37.96 10.17
CA GLU A 919 -19.00 -37.59 9.75
C GLU A 919 -19.39 -36.19 10.20
N PHE A 920 -19.01 -35.82 11.43
CA PHE A 920 -19.25 -34.46 11.89
C PHE A 920 -18.62 -33.44 10.94
N TYR A 921 -17.48 -33.78 10.35
CA TYR A 921 -16.78 -32.87 9.45
C TYR A 921 -17.19 -33.05 8.00
N GLU A 922 -17.63 -34.26 7.62
CA GLU A 922 -18.12 -34.48 6.27
C GLU A 922 -19.50 -33.85 6.06
N ALA A 923 -20.28 -33.68 7.12
CA ALA A 923 -21.58 -33.04 7.01
C ALA A 923 -21.51 -31.54 6.83
N MET A 924 -20.35 -30.92 7.04
CA MET A 924 -20.20 -29.49 6.89
C MET A 924 -20.05 -29.06 5.43
N TYR A 925 -19.77 -30.00 4.52
CA TYR A 925 -19.58 -29.68 3.11
C TYR A 925 -20.68 -30.26 2.24
N THR A 926 -21.74 -30.78 2.84
CA THR A 926 -22.92 -31.29 2.15
C THR A 926 -24.06 -30.28 2.24
N PRO A 927 -24.81 -30.09 1.16
CA PRO A 927 -25.87 -29.06 1.18
C PRO A 927 -27.02 -29.40 2.09
N HIS A 928 -28.04 -28.55 2.11
CA HIS A 928 -29.23 -28.72 2.94
C HIS A 928 -28.90 -28.53 4.42
N THR A 929 -28.29 -27.39 4.74
CA THR A 929 -28.04 -27.00 6.13
C THR A 929 -27.49 -25.59 6.20
N THR B 68 -32.93 -6.17 36.94
CA THR B 68 -31.52 -5.98 36.60
C THR B 68 -31.35 -4.82 35.64
N GLN B 69 -32.44 -4.43 34.97
CA GLN B 69 -32.37 -3.33 34.02
C GLN B 69 -31.99 -2.03 34.72
N MET B 70 -32.56 -1.78 35.89
CA MET B 70 -32.24 -0.55 36.62
C MET B 70 -30.78 -0.51 37.02
N TYR B 71 -30.24 -1.63 37.50
CA TYR B 71 -28.85 -1.66 37.93
C TYR B 71 -27.90 -1.41 36.76
N LYS B 72 -28.19 -2.01 35.60
CA LYS B 72 -27.34 -1.78 34.43
C LYS B 72 -27.40 -0.33 33.98
N GLN B 73 -28.60 0.27 34.04
CA GLN B 73 -28.71 1.68 33.67
C GLN B 73 -27.92 2.57 34.61
N ALA B 74 -27.96 2.26 35.91
CA ALA B 74 -27.20 3.06 36.88
C ALA B 74 -25.71 2.97 36.59
N ARG B 75 -25.22 1.78 36.24
CA ARG B 75 -23.81 1.65 35.87
C ARG B 75 -23.48 2.50 34.66
N SER B 76 -24.34 2.46 33.64
CA SER B 76 -24.10 3.28 32.45
C SER B 76 -24.17 4.76 32.76
N GLU B 77 -25.16 5.18 33.56
CA GLU B 77 -25.27 6.59 33.91
C GLU B 77 -24.09 7.05 34.74
N ASP B 78 -23.48 6.14 35.51
CA ASP B 78 -22.31 6.50 36.29
C ASP B 78 -21.08 6.68 35.40
N LYS B 79 -20.92 5.80 34.41
CA LYS B 79 -19.76 5.86 33.54
C LYS B 79 -19.82 7.07 32.61
N ARG B 80 -21.03 7.54 32.29
CA ARG B 80 -21.17 8.70 31.42
C ARG B 80 -20.54 9.94 32.05
N ALA B 81 -20.75 10.12 33.36
CA ALA B 81 -20.15 11.25 34.05
C ALA B 81 -18.67 11.00 34.32
N LYS B 82 -18.29 9.74 34.53
CA LYS B 82 -16.89 9.42 34.77
C LYS B 82 -16.01 9.75 33.56
N VAL B 83 -16.49 9.42 32.35
CA VAL B 83 -15.72 9.70 31.15
C VAL B 83 -15.84 11.17 30.76
N THR B 84 -16.94 11.83 31.14
CA THR B 84 -17.07 13.26 30.86
C THR B 84 -15.99 14.05 31.57
N SER B 85 -15.69 13.70 32.82
CA SER B 85 -14.63 14.39 33.55
C SER B 85 -13.27 14.16 32.90
N ALA B 86 -13.02 12.93 32.45
CA ALA B 86 -11.74 12.64 31.81
C ALA B 86 -11.57 13.43 30.51
N MET B 87 -12.61 13.45 29.68
CA MET B 87 -12.53 14.21 28.43
C MET B 87 -12.39 15.70 28.70
N GLN B 88 -13.16 16.21 29.67
CA GLN B 88 -13.13 17.65 29.94
C GLN B 88 -11.87 18.04 30.71
N THR B 89 -11.31 17.12 31.50
CA THR B 89 -10.06 17.42 32.20
C THR B 89 -8.89 17.41 31.23
N MET B 90 -8.90 16.54 30.24
CA MET B 90 -7.85 16.52 29.23
C MET B 90 -7.84 17.84 28.45
N LEU B 91 -9.01 18.30 28.05
CA LEU B 91 -9.08 19.52 27.24
C LEU B 91 -8.56 20.73 28.01
N PHE B 92 -8.89 20.84 29.29
CA PHE B 92 -8.44 21.97 30.07
C PHE B 92 -6.95 21.90 30.38
N THR B 93 -6.37 20.71 30.47
CA THR B 93 -4.94 20.59 30.66
C THR B 93 -4.17 21.07 29.44
N MET B 94 -4.64 20.73 28.25
CA MET B 94 -3.99 21.19 27.02
C MET B 94 -4.10 22.70 26.86
N LEU B 95 -5.12 23.32 27.44
CA LEU B 95 -5.24 24.78 27.37
C LEU B 95 -4.05 25.47 28.02
N ARG B 96 -3.45 24.85 29.02
CA ARG B 96 -2.35 25.44 29.77
C ARG B 96 -0.99 25.21 29.14
N LYS B 97 -0.92 24.40 28.08
CA LYS B 97 0.31 24.21 27.33
C LYS B 97 0.36 25.08 26.07
N LEU B 98 -0.64 25.94 25.88
CA LEU B 98 -0.73 26.77 24.69
C LEU B 98 -0.06 28.11 24.95
N ASP B 99 0.83 28.53 24.06
CA ASP B 99 1.50 29.82 24.16
C ASP B 99 0.52 30.89 23.71
N ASN B 100 -0.25 31.43 24.65
CA ASN B 100 -1.31 32.37 24.32
C ASN B 100 -0.80 33.68 23.72
N ASP B 101 0.49 33.97 23.84
CA ASP B 101 1.05 35.20 23.29
C ASP B 101 1.86 34.98 22.01
N ALA B 102 2.23 33.74 21.71
CA ALA B 102 2.89 33.41 20.44
C ALA B 102 1.94 32.82 19.42
N LEU B 103 1.06 31.90 19.86
CA LEU B 103 0.04 31.38 18.96
C LEU B 103 -0.98 32.46 18.61
N ASN B 104 -1.11 33.48 19.45
CA ASN B 104 -2.04 34.57 19.14
C ASN B 104 -1.51 35.47 18.04
N ASN B 105 -0.18 35.61 17.93
CA ASN B 105 0.40 36.50 16.93
C ASN B 105 0.05 36.05 15.51
N ILE B 106 0.19 34.75 15.23
CA ILE B 106 -0.08 34.28 13.88
C ILE B 106 -1.56 34.37 13.57
N ILE B 107 -2.42 34.06 14.54
CA ILE B 107 -3.86 34.12 14.29
C ILE B 107 -4.30 35.56 14.08
N ASN B 108 -3.69 36.52 14.78
CA ASN B 108 -4.04 37.92 14.58
C ASN B 108 -3.58 38.46 13.24
N ASN B 109 -2.75 37.73 12.50
CA ASN B 109 -2.28 38.15 11.19
C ASN B 109 -3.10 37.59 10.04
N ALA B 110 -3.78 36.47 10.24
CA ALA B 110 -4.57 35.87 9.17
C ALA B 110 -5.65 36.84 8.71
N ARG B 111 -5.87 36.87 7.39
CA ARG B 111 -6.84 37.81 6.82
C ARG B 111 -8.23 37.59 7.39
N ASP B 112 -8.56 36.35 7.76
CA ASP B 112 -9.88 36.01 8.27
C ASP B 112 -9.84 35.56 9.72
N GLY B 113 -8.87 34.73 10.10
CA GLY B 113 -8.79 34.18 11.43
C GLY B 113 -8.49 32.70 11.41
N CYS B 114 -8.57 32.11 10.21
CA CYS B 114 -8.29 30.70 10.01
C CYS B 114 -6.88 30.51 9.48
N VAL B 115 -6.16 29.56 10.06
CA VAL B 115 -4.82 29.21 9.59
C VAL B 115 -4.74 27.70 9.47
N PRO B 116 -3.91 27.17 8.58
CA PRO B 116 -3.73 25.70 8.52
C PRO B 116 -3.21 25.18 9.84
N LEU B 117 -3.69 24.00 10.23
CA LEU B 117 -3.22 23.38 11.47
C LEU B 117 -1.76 22.94 11.37
N ASN B 118 -1.25 22.75 10.15
CA ASN B 118 0.10 22.21 9.98
C ASN B 118 1.19 23.22 10.31
N ILE B 119 0.86 24.51 10.38
CA ILE B 119 1.85 25.54 10.62
C ILE B 119 1.77 26.07 12.05
N ILE B 120 0.94 25.48 12.89
CA ILE B 120 0.85 25.90 14.29
C ILE B 120 2.11 25.45 15.02
N PRO B 121 2.41 24.16 15.08
CA PRO B 121 3.67 23.73 15.70
C PRO B 121 4.91 24.28 15.00
N LEU B 122 4.83 24.48 13.68
CA LEU B 122 5.99 24.97 12.93
C LEU B 122 6.40 26.36 13.37
N THR B 123 5.42 27.22 13.66
CA THR B 123 5.69 28.63 13.94
C THR B 123 5.54 29.01 15.39
N THR B 124 4.97 28.15 16.24
CA THR B 124 4.75 28.50 17.64
C THR B 124 5.32 27.51 18.64
N ALA B 125 5.71 26.31 18.23
CA ALA B 125 6.26 25.35 19.17
C ALA B 125 7.58 25.85 19.75
N ALA B 126 7.81 25.52 21.02
CA ALA B 126 9.01 25.96 21.73
C ALA B 126 10.05 24.86 21.87
N LYS B 127 9.72 23.62 21.53
CA LYS B 127 10.64 22.50 21.62
C LYS B 127 10.58 21.67 20.35
N LEU B 128 11.73 21.18 19.90
CA LEU B 128 11.83 20.39 18.69
C LEU B 128 12.48 19.05 19.01
N MET B 129 12.00 18.01 18.34
CA MET B 129 12.53 16.66 18.51
C MET B 129 12.93 16.11 17.14
N VAL B 130 14.17 15.67 17.01
CA VAL B 130 14.70 15.16 15.75
C VAL B 130 15.09 13.70 15.96
N VAL B 131 14.69 12.84 15.04
CA VAL B 131 15.04 11.43 15.05
C VAL B 131 16.00 11.17 13.90
N ILE B 132 17.21 10.77 14.22
CA ILE B 132 18.29 10.60 13.25
C ILE B 132 18.52 9.10 13.06
N PRO B 133 18.48 8.59 11.83
CA PRO B 133 18.65 7.14 11.62
C PRO B 133 20.11 6.69 11.67
N ASP B 134 21.02 7.54 11.20
CA ASP B 134 22.44 7.17 11.15
C ASP B 134 23.28 8.42 11.34
N TYR B 135 24.60 8.25 11.27
CA TYR B 135 25.51 9.37 11.47
C TYR B 135 25.56 10.31 10.27
N ASN B 136 25.39 9.79 9.06
CA ASN B 136 25.41 10.64 7.88
C ASN B 136 24.28 11.67 7.94
N THR B 137 23.10 11.27 8.39
CA THR B 137 22.01 12.22 8.55
C THR B 137 22.26 13.17 9.70
N TYR B 138 22.92 12.71 10.76
CA TYR B 138 23.25 13.59 11.87
C TYR B 138 24.19 14.70 11.43
N LYS B 139 25.16 14.37 10.56
CA LYS B 139 26.14 15.36 10.15
C LYS B 139 25.49 16.55 9.47
N ASN B 140 24.49 16.30 8.62
CA ASN B 140 23.89 17.35 7.80
C ASN B 140 22.67 18.01 8.44
N THR B 141 22.21 17.52 9.60
CA THR B 141 20.97 18.02 10.18
C THR B 141 21.19 18.72 11.51
N CYS B 142 21.80 18.06 12.49
CA CYS B 142 21.90 18.59 13.85
C CYS B 142 23.35 18.73 14.31
N ASP B 143 24.27 18.95 13.38
CA ASP B 143 25.67 19.06 13.75
C ASP B 143 25.90 20.29 14.62
N GLY B 144 26.79 20.15 15.59
CA GLY B 144 27.12 21.25 16.48
C GLY B 144 26.11 21.37 17.62
N THR B 145 26.16 22.54 18.27
CA THR B 145 25.27 22.85 19.38
C THR B 145 23.99 23.55 18.94
N THR B 146 24.07 24.45 17.97
CA THR B 146 22.92 25.18 17.46
C THR B 146 22.76 24.92 15.98
N PHE B 147 21.54 24.58 15.56
CA PHE B 147 21.23 24.34 14.16
C PHE B 147 19.94 25.08 13.82
N THR B 148 19.79 25.41 12.54
CA THR B 148 18.64 26.17 12.06
C THR B 148 17.71 25.24 11.28
N TYR B 149 16.45 25.19 11.68
CA TYR B 149 15.44 24.41 11.01
C TYR B 149 14.13 25.19 11.00
N ALA B 150 13.41 25.13 9.88
CA ALA B 150 12.14 25.83 9.72
C ALA B 150 12.32 27.34 9.88
N SER B 151 13.44 27.85 9.36
CA SER B 151 13.74 29.28 9.42
C SER B 151 13.76 29.78 10.87
N ALA B 152 14.44 29.02 11.72
CA ALA B 152 14.58 29.39 13.12
C ALA B 152 15.84 28.72 13.66
N LEU B 153 16.38 29.30 14.73
CA LEU B 153 17.59 28.81 15.37
C LEU B 153 17.23 28.00 16.60
N TRP B 154 17.66 26.75 16.63
CA TRP B 154 17.43 25.85 17.76
C TRP B 154 18.74 25.51 18.42
N GLU B 155 18.72 25.40 19.75
CA GLU B 155 19.89 25.06 20.54
C GLU B 155 19.65 23.73 21.25
N ILE B 156 20.60 22.81 21.11
CA ILE B 156 20.40 21.47 21.64
C ILE B 156 20.29 21.51 23.16
N GLN B 157 19.52 20.59 23.71
CA GLN B 157 19.31 20.47 25.15
C GLN B 157 19.67 19.09 25.69
N GLN B 158 19.40 18.03 24.93
CA GLN B 158 19.72 16.68 25.35
C GLN B 158 19.74 15.78 24.13
N VAL B 159 20.34 14.61 24.28
CA VAL B 159 20.39 13.61 23.22
C VAL B 159 20.34 12.22 23.85
N VAL B 160 19.42 11.39 23.37
CA VAL B 160 19.26 10.03 23.87
C VAL B 160 19.15 9.09 22.68
N ASP B 161 19.44 7.81 22.93
CA ASP B 161 19.40 6.78 21.92
C ASP B 161 18.11 5.98 22.01
N ALA B 162 18.02 4.89 21.25
CA ALA B 162 16.83 4.07 21.23
C ALA B 162 16.55 3.40 22.56
N ASP B 163 17.54 3.31 23.44
CA ASP B 163 17.36 2.74 24.77
C ASP B 163 17.01 3.79 25.83
N SER B 164 16.94 5.06 25.45
CA SER B 164 16.63 6.19 26.32
C SER B 164 17.80 6.57 27.22
N LYS B 165 19.00 6.08 26.93
CA LYS B 165 20.18 6.52 27.67
C LYS B 165 20.68 7.85 27.12
N ILE B 166 21.37 8.60 27.97
CA ILE B 166 21.85 9.92 27.60
C ILE B 166 23.15 9.78 26.81
N VAL B 167 23.19 10.40 25.64
CA VAL B 167 24.36 10.39 24.79
C VAL B 167 25.00 11.78 24.80
N GLN B 168 26.29 11.81 24.55
CA GLN B 168 27.06 13.06 24.54
C GLN B 168 27.49 13.38 23.11
N LEU B 169 27.52 14.69 22.81
CA LEU B 169 27.88 15.11 21.46
C LEU B 169 29.29 14.70 21.08
N SER B 170 30.14 14.38 22.05
CA SER B 170 31.49 13.92 21.74
C SER B 170 31.46 12.48 21.23
N GLU B 171 30.61 11.63 21.82
CA GLU B 171 30.54 10.24 21.40
C GLU B 171 29.98 10.07 20.00
N ILE B 172 29.34 11.11 19.45
CA ILE B 172 28.73 11.03 18.13
C ILE B 172 29.81 11.37 17.11
N SER B 173 30.58 10.35 16.72
CA SER B 173 31.65 10.50 15.75
C SER B 173 31.49 9.43 14.67
N MET B 174 32.28 9.58 13.61
CA MET B 174 32.23 8.62 12.50
C MET B 174 32.96 7.33 12.80
N ASP B 175 33.83 7.31 13.82
CA ASP B 175 34.53 6.10 14.22
C ASP B 175 33.89 5.40 15.40
N ASN B 176 33.30 6.14 16.33
CA ASN B 176 32.56 5.58 17.44
C ASN B 176 31.07 5.43 17.14
N SER B 177 30.66 5.76 15.91
CA SER B 177 29.25 5.66 15.56
C SER B 177 28.70 4.24 15.73
N PRO B 178 29.39 3.18 15.30
CA PRO B 178 28.86 1.82 15.41
C PRO B 178 28.92 1.26 16.84
N ASN B 179 28.52 2.08 17.81
CA ASN B 179 28.43 1.65 19.19
C ASN B 179 27.21 2.18 19.91
N LEU B 180 26.30 2.87 19.22
CA LEU B 180 25.12 3.46 19.83
C LEU B 180 23.86 2.85 19.24
N ALA B 181 22.82 2.74 20.05
CA ALA B 181 21.51 2.40 19.51
C ALA B 181 21.10 3.56 18.60
N TRP B 182 21.14 3.34 17.30
CA TRP B 182 21.35 4.47 16.41
C TRP B 182 20.15 5.39 16.27
N PRO B 183 18.91 4.91 16.31
CA PRO B 183 17.80 5.87 16.34
C PRO B 183 18.04 6.83 17.48
N LEU B 184 18.35 8.09 17.16
CA LEU B 184 18.72 9.10 18.14
C LEU B 184 17.70 10.21 18.11
N ILE B 185 17.23 10.62 19.28
CA ILE B 185 16.25 11.68 19.41
C ILE B 185 16.95 12.88 20.01
N VAL B 186 17.03 13.96 19.23
CA VAL B 186 17.69 15.20 19.64
C VAL B 186 16.60 16.23 19.91
N THR B 187 16.54 16.70 21.15
CA THR B 187 15.56 17.70 21.57
C THR B 187 16.25 19.05 21.72
N ALA B 188 15.71 20.07 21.05
CA ALA B 188 16.27 21.41 21.06
C ALA B 188 15.22 22.40 21.53
N LEU B 189 15.68 23.57 21.95
CA LEU B 189 14.82 24.65 22.41
C LEU B 189 14.99 25.85 21.50
N ARG B 190 13.87 26.44 21.08
CA ARG B 190 13.92 27.61 20.22
C ARG B 190 14.70 28.73 20.91
N ALA B 191 15.63 29.34 20.18
CA ALA B 191 16.47 30.40 20.70
C ALA B 191 16.00 31.75 20.18
N ASN B 192 15.88 32.71 21.09
CA ASN B 192 15.48 34.07 20.73
C ASN B 192 16.69 34.99 20.61
N LYS C 2 15.30 -32.77 9.62
CA LYS C 2 16.34 -32.23 10.48
C LYS C 2 16.35 -30.71 10.46
N MET C 3 15.54 -30.12 9.58
CA MET C 3 15.37 -28.68 9.55
C MET C 3 14.20 -28.21 10.41
N SER C 4 13.14 -29.01 10.51
CA SER C 4 12.05 -28.66 11.40
C SER C 4 12.52 -28.61 12.84
N ASP C 5 13.38 -29.55 13.24
CA ASP C 5 13.93 -29.51 14.58
C ASP C 5 14.70 -28.23 14.83
N VAL C 6 15.53 -27.82 13.86
CA VAL C 6 16.31 -26.60 14.00
C VAL C 6 15.40 -25.38 14.13
N LYS C 7 14.35 -25.31 13.30
CA LYS C 7 13.47 -24.16 13.35
C LYS C 7 12.71 -24.10 14.68
N CYS C 8 12.23 -25.25 15.16
CA CYS C 8 11.52 -25.26 16.44
C CYS C 8 12.45 -24.87 17.59
N THR C 9 13.67 -25.39 17.59
CA THR C 9 14.61 -25.02 18.65
C THR C 9 14.99 -23.54 18.56
N SER C 10 15.07 -22.99 17.35
CA SER C 10 15.34 -21.56 17.22
C SER C 10 14.19 -20.73 17.78
N VAL C 11 12.95 -21.16 17.52
CA VAL C 11 11.80 -20.47 18.09
C VAL C 11 11.88 -20.47 19.62
N VAL C 12 12.17 -21.64 20.19
CA VAL C 12 12.24 -21.73 21.65
C VAL C 12 13.38 -20.89 22.19
N LEU C 13 14.52 -20.86 21.49
CA LEU C 13 15.65 -20.08 21.94
C LEU C 13 15.34 -18.59 21.93
N LEU C 14 14.70 -18.10 20.87
CA LEU C 14 14.31 -16.69 20.86
C LEU C 14 13.29 -16.38 21.94
N SER C 15 12.36 -17.30 22.21
CA SER C 15 11.43 -17.10 23.31
C SER C 15 12.18 -16.96 24.64
N VAL C 16 13.15 -17.85 24.88
CA VAL C 16 13.92 -17.78 26.11
C VAL C 16 14.66 -16.46 26.22
N LEU C 17 15.30 -16.04 25.13
CA LEU C 17 16.04 -14.77 25.14
C LEU C 17 15.11 -13.60 25.42
N GLN C 18 13.93 -13.59 24.79
CA GLN C 18 12.98 -12.50 25.01
C GLN C 18 12.53 -12.46 26.45
N GLN C 19 12.19 -13.62 27.02
CA GLN C 19 11.76 -13.63 28.42
C GLN C 19 12.91 -13.41 29.39
N LEU C 20 14.16 -13.44 28.91
CA LEU C 20 15.31 -13.07 29.71
C LEU C 20 15.58 -11.57 29.68
N ARG C 21 14.69 -10.78 29.10
CA ARG C 21 14.79 -9.31 29.07
C ARG C 21 15.90 -8.85 28.13
N VAL C 22 16.06 -9.53 27.00
CA VAL C 22 17.08 -9.13 26.03
C VAL C 22 16.63 -7.96 25.17
N GLU C 23 15.32 -7.74 25.03
CA GLU C 23 14.86 -6.63 24.20
C GLU C 23 15.08 -5.28 24.85
N SER C 24 15.52 -5.23 26.11
CA SER C 24 15.90 -3.96 26.71
C SER C 24 17.04 -3.31 25.94
N SER C 25 17.90 -4.11 25.33
CA SER C 25 18.98 -3.62 24.48
C SER C 25 18.51 -3.69 23.02
N SER C 26 18.47 -2.54 22.35
CA SER C 26 17.86 -2.47 21.03
C SER C 26 18.68 -3.22 20.00
N LYS C 27 20.01 -3.04 19.99
CA LYS C 27 20.83 -3.64 18.95
C LYS C 27 20.93 -5.16 19.12
N LEU C 28 21.09 -5.64 20.35
CA LEU C 28 21.12 -7.07 20.58
C LEU C 28 19.80 -7.71 20.17
N TRP C 29 18.68 -7.07 20.51
CA TRP C 29 17.39 -7.59 20.09
C TRP C 29 17.26 -7.61 18.57
N ALA C 30 17.76 -6.57 17.91
CA ALA C 30 17.70 -6.54 16.45
C ALA C 30 18.49 -7.70 15.84
N GLN C 31 19.69 -7.94 16.35
CA GLN C 31 20.49 -9.04 15.84
C GLN C 31 19.81 -10.39 16.09
N CYS C 32 19.26 -10.58 17.29
CA CYS C 32 18.59 -11.84 17.59
C CYS C 32 17.38 -12.05 16.69
N VAL C 33 16.58 -11.00 16.48
CA VAL C 33 15.43 -11.11 15.61
C VAL C 33 15.85 -11.45 14.18
N GLN C 34 16.91 -10.79 13.69
CA GLN C 34 17.38 -11.08 12.35
C GLN C 34 17.80 -12.53 12.20
N LEU C 35 18.56 -13.04 13.18
CA LEU C 35 19.00 -14.44 13.12
C LEU C 35 17.81 -15.39 13.16
N HIS C 36 16.85 -15.13 14.06
CA HIS C 36 15.70 -16.02 14.20
C HIS C 36 14.87 -16.04 12.93
N ASN C 37 14.65 -14.87 12.31
CA ASN C 37 13.89 -14.83 11.08
C ASN C 37 14.66 -15.46 9.91
N ASP C 38 15.98 -15.32 9.89
CA ASP C 38 16.77 -15.96 8.85
C ASP C 38 16.70 -17.48 8.96
N ILE C 39 16.75 -18.01 10.17
CA ILE C 39 16.69 -19.47 10.35
C ILE C 39 15.40 -20.02 9.80
N LEU C 40 14.27 -19.35 10.09
CA LEU C 40 12.98 -19.87 9.66
C LEU C 40 12.87 -19.93 8.14
N LEU C 41 13.40 -18.92 7.45
CA LEU C 41 13.31 -18.85 5.99
C LEU C 41 14.40 -19.64 5.28
N ALA C 42 15.33 -20.24 6.01
CA ALA C 42 16.44 -20.94 5.38
C ALA C 42 15.93 -22.12 4.55
N LYS C 43 16.84 -22.69 3.75
CA LYS C 43 16.54 -23.85 2.93
C LYS C 43 17.53 -24.99 3.08
N ASP C 44 18.76 -24.74 3.51
CA ASP C 44 19.75 -25.78 3.74
C ASP C 44 20.16 -25.78 5.20
N THR C 45 20.43 -26.98 5.72
CA THR C 45 20.70 -27.12 7.14
C THR C 45 22.02 -26.48 7.57
N THR C 46 22.97 -26.30 6.66
CA THR C 46 24.27 -25.77 7.05
C THR C 46 24.16 -24.33 7.52
N GLU C 47 23.53 -23.47 6.71
CA GLU C 47 23.38 -22.07 7.12
C GLU C 47 22.46 -21.95 8.34
N ALA C 48 21.43 -22.80 8.40
CA ALA C 48 20.57 -22.79 9.57
C ALA C 48 21.35 -23.12 10.84
N PHE C 49 22.24 -24.11 10.77
CA PHE C 49 22.99 -24.50 11.96
C PHE C 49 24.02 -23.44 12.33
N GLU C 50 24.67 -22.82 11.34
CA GLU C 50 25.62 -21.76 11.66
C GLU C 50 24.91 -20.57 12.32
N LYS C 51 23.75 -20.18 11.78
CA LYS C 51 22.98 -19.12 12.42
C LYS C 51 22.51 -19.54 13.81
N MET C 52 22.17 -20.82 13.97
CA MET C 52 21.71 -21.32 15.26
C MET C 52 22.80 -21.21 16.31
N VAL C 53 24.04 -21.57 15.95
CA VAL C 53 25.14 -21.44 16.90
C VAL C 53 25.43 -19.97 17.18
N SER C 54 25.35 -19.12 16.16
CA SER C 54 25.56 -17.69 16.38
C SER C 54 24.54 -17.12 17.35
N LEU C 55 23.28 -17.56 17.23
CA LEU C 55 22.23 -17.07 18.12
C LEU C 55 22.31 -17.67 19.52
N LEU C 56 22.75 -18.92 19.64
CA LEU C 56 22.92 -19.52 20.96
C LEU C 56 24.09 -18.89 21.70
N SER C 57 25.10 -18.42 20.97
CA SER C 57 26.19 -17.68 21.62
C SER C 57 25.68 -16.47 22.38
N VAL C 58 24.55 -15.91 21.96
CA VAL C 58 23.96 -14.77 22.67
C VAL C 58 23.54 -15.18 24.07
N LEU C 59 22.85 -16.32 24.18
CA LEU C 59 22.42 -16.79 25.50
C LEU C 59 23.58 -17.28 26.33
N LEU C 60 24.59 -17.88 25.69
CA LEU C 60 25.75 -18.36 26.44
C LEU C 60 26.58 -17.22 27.00
N SER C 61 26.59 -16.06 26.34
CA SER C 61 27.41 -14.95 26.79
C SER C 61 26.87 -14.27 28.04
N MET C 62 25.57 -14.40 28.30
CA MET C 62 24.96 -13.80 29.48
C MET C 62 25.26 -14.66 30.70
N GLN C 63 24.61 -14.36 31.83
CA GLN C 63 24.80 -15.15 33.04
C GLN C 63 23.48 -15.39 33.78
N GLY C 64 22.34 -15.13 33.14
CA GLY C 64 21.05 -15.28 33.78
C GLY C 64 20.42 -16.65 33.69
N ALA C 65 21.07 -17.59 33.01
CA ALA C 65 20.56 -18.95 32.86
C ALA C 65 21.64 -19.92 33.29
N VAL C 66 21.39 -20.61 34.42
CA VAL C 66 22.35 -21.59 34.92
C VAL C 66 22.46 -22.74 33.93
N ASP C 67 23.66 -22.94 33.38
CA ASP C 67 23.87 -23.93 32.34
C ASP C 67 24.12 -25.33 32.91
N ILE C 68 24.99 -25.43 33.91
CA ILE C 68 25.32 -26.74 34.47
C ILE C 68 24.08 -27.37 35.09
N ASN C 69 23.30 -26.59 35.83
CA ASN C 69 22.11 -27.14 36.48
C ASN C 69 21.12 -27.67 35.46
N LYS C 70 20.90 -26.92 34.38
CA LYS C 70 19.95 -27.35 33.35
C LYS C 70 20.52 -28.45 32.47
N LEU C 71 21.84 -28.67 32.49
CA LEU C 71 22.46 -29.77 31.78
C LEU C 71 22.55 -31.03 32.64
N CYS C 72 21.70 -31.16 33.65
CA CYS C 72 21.68 -32.33 34.52
C CYS C 72 21.07 -33.56 33.85
N GLU C 73 20.81 -33.51 32.55
CA GLU C 73 20.28 -34.66 31.82
C GLU C 73 18.85 -34.96 32.26
N GLU D 60 -27.59 -31.35 38.77
CA GLU D 60 -26.62 -32.42 38.58
C GLU D 60 -25.55 -32.02 37.56
N LYS D 61 -25.98 -31.81 36.31
CA LYS D 61 -25.05 -31.36 35.28
C LYS D 61 -24.45 -30.01 35.64
N MET D 62 -25.21 -29.21 36.39
CA MET D 62 -24.72 -27.91 36.84
C MET D 62 -23.42 -28.07 37.62
N ALA D 63 -23.35 -29.11 38.45
CA ALA D 63 -22.15 -29.37 39.24
C ALA D 63 -21.01 -29.93 38.40
N ASP D 64 -21.31 -30.83 37.46
CA ASP D 64 -20.26 -31.38 36.62
C ASP D 64 -19.61 -30.30 35.76
N GLN D 65 -20.42 -29.44 35.14
CA GLN D 65 -19.86 -28.38 34.32
C GLN D 65 -19.10 -27.36 35.17
N ALA D 66 -19.55 -27.17 36.41
CA ALA D 66 -18.82 -26.28 37.32
C ALA D 66 -17.43 -26.82 37.63
N MET D 67 -17.31 -28.14 37.83
CA MET D 67 -16.01 -28.72 38.12
C MET D 67 -15.08 -28.62 36.92
N THR D 68 -15.61 -28.82 35.71
CA THR D 68 -14.78 -28.70 34.52
C THR D 68 -14.23 -27.29 34.36
N GLN D 69 -15.04 -26.28 34.68
CA GLN D 69 -14.56 -24.91 34.63
C GLN D 69 -13.52 -24.66 35.71
N MET D 70 -13.73 -25.21 36.90
CA MET D 70 -12.76 -25.03 37.98
C MET D 70 -11.42 -25.68 37.63
N TYR D 71 -11.45 -26.86 37.03
CA TYR D 71 -10.20 -27.52 36.63
C TYR D 71 -9.47 -26.70 35.57
N LYS D 72 -10.21 -26.18 34.59
CA LYS D 72 -9.56 -25.41 33.52
C LYS D 72 -8.86 -24.17 34.08
N GLN D 73 -9.51 -23.48 35.02
CA GLN D 73 -8.90 -22.29 35.60
C GLN D 73 -7.65 -22.64 36.39
N ALA D 74 -7.68 -23.77 37.11
CA ALA D 74 -6.52 -24.17 37.89
C ALA D 74 -5.32 -24.46 36.98
N ARG D 75 -5.57 -25.18 35.87
CA ARG D 75 -4.47 -25.54 34.98
C ARG D 75 -3.88 -24.32 34.29
N SER D 76 -4.73 -23.45 33.72
CA SER D 76 -4.23 -22.31 32.99
C SER D 76 -3.43 -21.38 33.90
N GLU D 77 -3.92 -21.15 35.12
CA GLU D 77 -3.21 -20.29 36.05
C GLU D 77 -1.86 -20.88 36.44
N ASP D 78 -1.71 -22.20 36.34
CA ASP D 78 -0.44 -22.82 36.65
C ASP D 78 0.46 -22.93 35.43
N LYS D 79 -0.12 -22.99 34.23
CA LYS D 79 0.70 -23.09 33.03
C LYS D 79 1.56 -21.84 32.84
N ARG D 80 0.99 -20.67 33.10
CA ARG D 80 1.73 -19.41 32.94
C ARG D 80 2.51 -19.03 34.19
N ALA D 81 2.42 -19.82 35.26
CA ALA D 81 3.20 -19.57 36.47
C ALA D 81 4.53 -20.32 36.48
N LYS D 82 4.80 -21.12 35.44
CA LYS D 82 6.04 -21.88 35.34
C LYS D 82 6.65 -21.76 33.94
N VAL D 83 6.54 -20.58 33.33
CA VAL D 83 6.94 -20.42 31.94
C VAL D 83 8.45 -20.49 31.80
N THR D 84 9.18 -19.79 32.66
CA THR D 84 10.63 -19.64 32.46
C THR D 84 11.35 -20.99 32.57
N SER D 85 11.12 -21.71 33.65
CA SER D 85 11.81 -22.98 33.86
C SER D 85 11.43 -23.99 32.79
N ALA D 86 10.13 -24.07 32.46
CA ALA D 86 9.70 -25.01 31.43
C ALA D 86 10.32 -24.68 30.09
N MET D 87 10.37 -23.39 29.74
CA MET D 87 10.94 -22.99 28.46
C MET D 87 12.42 -23.32 28.39
N GLN D 88 13.16 -23.06 29.47
CA GLN D 88 14.58 -23.39 29.47
C GLN D 88 14.80 -24.90 29.37
N THR D 89 13.99 -25.68 30.11
CA THR D 89 14.12 -27.13 30.05
C THR D 89 13.84 -27.64 28.63
N MET D 90 12.78 -27.13 28.00
CA MET D 90 12.46 -27.55 26.64
C MET D 90 13.56 -27.16 25.67
N LEU D 91 14.10 -25.95 25.80
CA LEU D 91 15.17 -25.52 24.91
C LEU D 91 16.37 -26.43 25.02
N PHE D 92 16.78 -26.76 26.24
CA PHE D 92 17.97 -27.59 26.37
C PHE D 92 17.71 -29.05 26.00
N THR D 93 16.49 -29.54 26.22
CA THR D 93 16.15 -30.87 25.74
C THR D 93 16.25 -30.94 24.22
N MET D 94 15.72 -29.94 23.53
CA MET D 94 15.78 -29.92 22.08
C MET D 94 17.21 -29.75 21.59
N LEU D 95 18.01 -28.93 22.28
CA LEU D 95 19.41 -28.77 21.91
C LEU D 95 20.16 -30.08 22.04
N ARG D 96 19.90 -30.83 23.11
CA ARG D 96 20.53 -32.14 23.26
C ARG D 96 20.08 -33.10 22.18
N LYS D 97 18.79 -33.08 21.85
CA LYS D 97 18.27 -33.99 20.82
C LYS D 97 18.83 -33.64 19.44
N LEU D 98 19.15 -32.37 19.20
CA LEU D 98 19.69 -31.97 17.89
C LEU D 98 21.02 -32.66 17.62
N ASP D 99 21.88 -32.74 18.62
CA ASP D 99 23.15 -33.47 18.52
C ASP D 99 24.00 -32.92 17.37
N ASN D 100 24.40 -31.65 17.52
CA ASN D 100 25.28 -30.99 16.57
C ASN D 100 26.64 -30.75 17.20
N ASP D 101 27.71 -31.04 16.46
CA ASP D 101 29.05 -30.86 17.00
C ASP D 101 29.33 -29.41 17.32
N ALA D 102 28.95 -28.49 16.42
CA ALA D 102 29.23 -27.08 16.63
C ALA D 102 28.52 -26.56 17.87
N LEU D 103 27.25 -26.94 18.06
CA LEU D 103 26.52 -26.48 19.23
C LEU D 103 27.00 -27.20 20.49
N ASN D 104 27.28 -28.50 20.38
CA ASN D 104 27.71 -29.26 21.54
C ASN D 104 29.03 -28.75 22.08
N ASN D 105 29.96 -28.40 21.20
CA ASN D 105 31.25 -27.88 21.64
C ASN D 105 31.08 -26.64 22.49
N ILE D 106 30.33 -25.66 21.99
CA ILE D 106 30.16 -24.41 22.72
C ILE D 106 29.36 -24.65 24.00
N ILE D 107 28.38 -25.56 23.96
CA ILE D 107 27.59 -25.84 25.16
C ILE D 107 28.49 -26.41 26.25
N ASN D 108 29.32 -27.39 25.90
CA ASN D 108 30.23 -27.98 26.89
C ASN D 108 31.22 -26.94 27.42
N ASN D 109 31.78 -26.13 26.51
CA ASN D 109 32.74 -25.12 26.94
C ASN D 109 32.10 -24.14 27.92
N ALA D 110 30.90 -23.65 27.60
CA ALA D 110 30.19 -22.76 28.51
C ALA D 110 29.86 -23.47 29.81
N ARG D 111 29.60 -24.77 29.76
CA ARG D 111 29.31 -25.52 30.98
C ARG D 111 30.52 -25.54 31.91
N ASP D 112 31.71 -25.80 31.36
CA ASP D 112 32.88 -25.97 32.22
C ASP D 112 33.68 -24.66 32.40
N GLY D 113 34.28 -24.16 31.33
CA GLY D 113 35.12 -22.99 31.49
C GLY D 113 34.94 -21.80 30.56
N CYS D 114 34.45 -22.02 29.34
CA CYS D 114 34.58 -21.04 28.27
C CYS D 114 33.22 -20.44 27.94
N VAL D 115 33.14 -19.12 28.02
CA VAL D 115 31.93 -18.39 27.65
C VAL D 115 32.32 -17.25 26.71
N PRO D 116 31.66 -17.10 25.58
CA PRO D 116 31.98 -15.98 24.68
C PRO D 116 31.54 -14.66 25.27
N LEU D 117 32.20 -13.59 24.82
CA LEU D 117 31.88 -12.24 25.25
C LEU D 117 31.06 -11.48 24.23
N ASN D 118 30.82 -12.04 23.06
CA ASN D 118 30.02 -11.39 22.03
C ASN D 118 29.50 -12.45 21.07
N ILE D 119 28.52 -12.06 20.25
CA ILE D 119 27.96 -12.98 19.27
C ILE D 119 29.09 -13.57 18.44
N ILE D 120 29.03 -14.89 18.23
CA ILE D 120 30.06 -15.59 17.48
C ILE D 120 29.92 -15.25 16.00
N PRO D 121 30.94 -14.66 15.38
CA PRO D 121 30.81 -14.27 13.97
C PRO D 121 30.84 -15.47 13.05
N LEU D 122 30.24 -15.30 11.88
CA LEU D 122 30.23 -16.33 10.85
C LEU D 122 31.21 -16.06 9.72
N THR D 123 31.59 -14.80 9.51
CA THR D 123 32.53 -14.45 8.47
C THR D 123 33.94 -14.95 8.84
N THR D 124 34.90 -14.68 7.96
CA THR D 124 36.27 -15.13 8.14
C THR D 124 37.20 -14.02 8.63
N ALA D 125 36.66 -12.87 9.02
CA ALA D 125 37.50 -11.75 9.42
C ALA D 125 37.07 -11.17 10.77
N ALA D 126 35.81 -11.36 11.13
CA ALA D 126 35.30 -10.79 12.37
C ALA D 126 36.02 -11.36 13.58
N LYS D 127 36.25 -10.50 14.57
CA LYS D 127 36.99 -10.89 15.77
C LYS D 127 36.06 -11.54 16.79
N LEU D 128 36.58 -12.55 17.49
CA LEU D 128 35.87 -13.25 18.55
C LEU D 128 36.68 -13.18 19.83
N MET D 129 36.00 -12.86 20.94
CA MET D 129 36.63 -12.78 22.25
C MET D 129 36.00 -13.82 23.16
N VAL D 130 36.85 -14.60 23.84
CA VAL D 130 36.39 -15.68 24.70
C VAL D 130 37.01 -15.53 26.08
N VAL D 131 36.43 -16.23 27.04
CA VAL D 131 36.85 -16.18 28.44
C VAL D 131 37.37 -17.56 28.83
N ILE D 132 38.55 -17.60 29.43
CA ILE D 132 39.18 -18.83 29.88
C ILE D 132 39.34 -18.76 31.39
N PRO D 133 38.76 -19.70 32.15
CA PRO D 133 38.77 -19.57 33.62
C PRO D 133 40.07 -20.03 34.26
N ASP D 134 40.74 -21.01 33.66
CA ASP D 134 41.96 -21.55 34.23
C ASP D 134 42.81 -22.15 33.10
N TYR D 135 43.83 -22.91 33.49
CA TYR D 135 44.78 -23.44 32.51
C TYR D 135 44.31 -24.73 31.85
N ASN D 136 43.47 -25.52 32.54
CA ASN D 136 42.99 -26.75 31.95
C ASN D 136 42.15 -26.47 30.70
N THR D 137 41.27 -25.48 30.77
CA THR D 137 40.51 -25.08 29.60
C THR D 137 41.43 -24.58 28.50
N TYR D 138 42.50 -23.88 28.87
CA TYR D 138 43.46 -23.41 27.88
C TYR D 138 44.11 -24.59 27.16
N LYS D 139 44.51 -25.63 27.90
CA LYS D 139 45.07 -26.82 27.27
C LYS D 139 44.05 -27.46 26.34
N ASN D 140 42.81 -27.63 26.82
CA ASN D 140 41.81 -28.34 26.04
C ASN D 140 41.49 -27.61 24.75
N THR D 141 41.33 -26.28 24.81
CA THR D 141 40.91 -25.50 23.65
C THR D 141 42.06 -24.80 22.95
N CYS D 142 43.11 -24.42 23.67
CA CYS D 142 44.23 -23.69 23.09
C CYS D 142 45.43 -24.63 22.94
N ASP D 143 45.94 -24.75 21.71
CA ASP D 143 47.10 -25.56 21.40
C ASP D 143 48.07 -24.71 20.60
N GLY D 144 48.90 -23.94 21.30
CA GLY D 144 49.86 -23.07 20.65
C GLY D 144 49.26 -21.78 20.15
N THR D 145 49.39 -21.52 18.85
CA THR D 145 48.88 -20.29 18.23
C THR D 145 47.53 -20.47 17.58
N THR D 146 46.91 -21.64 17.70
CA THR D 146 45.62 -21.92 17.07
C THR D 146 44.54 -22.08 18.14
N PHE D 147 43.35 -21.59 17.83
CA PHE D 147 42.20 -21.64 18.72
C PHE D 147 41.08 -22.43 18.05
N THR D 148 40.56 -23.44 18.74
CA THR D 148 39.49 -24.29 18.23
C THR D 148 38.24 -24.03 19.05
N TYR D 149 37.22 -23.46 18.41
CA TYR D 149 35.99 -23.09 19.10
C TYR D 149 34.82 -23.14 18.12
N ALA D 150 33.73 -23.76 18.55
CA ALA D 150 32.50 -23.84 17.75
C ALA D 150 32.76 -24.47 16.39
N SER D 151 33.62 -25.49 16.36
CA SER D 151 33.88 -26.26 15.15
C SER D 151 34.52 -25.37 14.08
N ALA D 152 35.58 -24.67 14.46
CA ALA D 152 36.32 -23.83 13.53
C ALA D 152 37.73 -23.64 14.06
N LEU D 153 38.58 -23.03 13.24
CA LEU D 153 39.97 -22.76 13.59
C LEU D 153 40.16 -21.26 13.78
N TRP D 154 40.69 -20.89 14.95
CA TRP D 154 40.89 -19.49 15.30
C TRP D 154 42.36 -19.27 15.64
N GLU D 155 42.92 -18.16 15.16
CA GLU D 155 44.32 -17.82 15.39
C GLU D 155 44.39 -16.74 16.45
N ILE D 156 45.04 -17.06 17.58
CA ILE D 156 45.14 -16.11 18.67
C ILE D 156 45.90 -14.87 18.23
N GLN D 157 45.40 -13.70 18.60
CA GLN D 157 46.02 -12.43 18.26
C GLN D 157 46.47 -11.61 19.46
N GLN D 158 45.80 -11.75 20.60
CA GLN D 158 46.15 -10.97 21.78
C GLN D 158 45.47 -11.53 23.02
N VAL D 159 46.24 -11.74 24.08
CA VAL D 159 45.73 -12.32 25.33
C VAL D 159 46.03 -11.35 26.46
N VAL D 160 45.01 -11.09 27.29
CA VAL D 160 45.13 -10.18 28.42
C VAL D 160 44.54 -10.85 29.64
N ASP D 161 45.25 -10.76 30.77
CA ASP D 161 44.78 -11.36 32.00
C ASP D 161 43.60 -10.55 32.57
N ALA D 162 43.10 -10.99 33.73
CA ALA D 162 41.89 -10.41 34.29
C ALA D 162 42.07 -8.98 34.79
N ASP D 163 43.30 -8.49 34.89
CA ASP D 163 43.55 -7.12 35.30
C ASP D 163 43.81 -6.18 34.13
N SER D 164 43.57 -6.64 32.90
CA SER D 164 43.72 -5.83 31.69
C SER D 164 45.17 -5.55 31.35
N LYS D 165 46.09 -6.44 31.74
CA LYS D 165 47.49 -6.34 31.41
C LYS D 165 47.82 -7.37 30.33
N ILE D 166 48.36 -6.89 29.21
CA ILE D 166 48.62 -7.78 28.09
C ILE D 166 49.57 -8.91 28.49
N VAL D 167 49.36 -10.08 27.90
CA VAL D 167 50.15 -11.28 28.20
C VAL D 167 50.48 -11.97 26.89
N GLN D 168 51.69 -12.51 26.79
CA GLN D 168 52.13 -13.22 25.60
C GLN D 168 51.90 -14.73 25.75
N LEU D 169 51.73 -15.39 24.62
CA LEU D 169 51.37 -16.82 24.64
C LEU D 169 52.45 -17.65 25.29
N SER D 170 53.72 -17.37 24.98
CA SER D 170 54.82 -18.20 25.48
C SER D 170 54.93 -18.17 27.00
N GLU D 171 54.39 -17.14 27.64
CA GLU D 171 54.47 -17.06 29.10
C GLU D 171 53.61 -18.11 29.78
N ILE D 172 52.50 -18.49 29.17
CA ILE D 172 51.53 -19.38 29.81
C ILE D 172 52.09 -20.79 29.85
N SER D 173 52.10 -21.38 31.04
CA SER D 173 52.49 -22.77 31.24
C SER D 173 51.72 -23.32 32.44
N MET D 174 52.15 -24.47 32.94
CA MET D 174 51.45 -25.10 34.06
C MET D 174 51.94 -24.53 35.40
N ASP D 175 53.24 -24.66 35.68
CA ASP D 175 53.76 -24.22 36.97
C ASP D 175 53.58 -22.72 37.18
N ASN D 176 53.82 -21.93 36.13
CA ASN D 176 53.74 -20.48 36.23
C ASN D 176 52.31 -19.96 36.16
N SER D 177 51.32 -20.85 36.03
CA SER D 177 49.93 -20.42 35.97
C SER D 177 49.53 -19.52 37.13
N PRO D 178 49.86 -19.85 38.39
CA PRO D 178 49.44 -19.02 39.54
C PRO D 178 50.26 -17.73 39.69
N ASN D 179 50.45 -17.02 38.59
CA ASN D 179 51.19 -15.77 38.60
C ASN D 179 50.46 -14.62 37.90
N LEU D 180 49.26 -14.85 37.38
CA LEU D 180 48.51 -13.83 36.67
C LEU D 180 47.03 -13.95 37.02
N ALA D 181 46.28 -12.89 36.73
CA ALA D 181 44.83 -12.94 36.87
C ALA D 181 44.28 -13.94 35.86
N TRP D 182 43.85 -15.10 36.34
CA TRP D 182 43.58 -16.25 35.47
C TRP D 182 42.49 -16.00 34.45
N PRO D 183 41.37 -15.38 34.81
CA PRO D 183 40.26 -15.26 33.84
C PRO D 183 40.66 -14.39 32.66
N LEU D 184 41.50 -14.95 31.79
CA LEU D 184 42.02 -14.23 30.63
C LEU D 184 40.89 -13.92 29.65
N ILE D 185 41.26 -13.18 28.60
CA ILE D 185 40.34 -12.86 27.52
C ILE D 185 41.07 -12.99 26.19
N VAL D 186 40.86 -14.09 25.49
CA VAL D 186 41.57 -14.38 24.26
C VAL D 186 40.76 -13.90 23.08
N THR D 187 41.41 -13.23 22.14
CA THR D 187 40.79 -12.78 20.90
C THR D 187 41.46 -13.46 19.72
N ALA D 188 40.70 -13.69 18.65
CA ALA D 188 41.22 -14.37 17.47
C ALA D 188 40.28 -14.11 16.30
N LEU D 189 40.71 -14.56 15.13
CA LEU D 189 39.94 -14.41 13.90
C LEU D 189 39.78 -15.76 13.23
N ARG D 190 38.70 -15.89 12.46
CA ARG D 190 38.44 -17.13 11.74
C ARG D 190 39.49 -17.36 10.67
N ALA D 191 39.71 -18.63 10.35
CA ALA D 191 40.68 -19.01 9.33
C ALA D 191 40.24 -18.52 7.96
#